data_8P6V
#
_entry.id   8P6V
#
_cell.length_a   1.00
_cell.length_b   1.00
_cell.length_c   1.00
_cell.angle_alpha   90.00
_cell.angle_beta   90.00
_cell.angle_gamma   90.00
#
_symmetry.space_group_name_H-M   'P 1'
#
loop_
_entity.id
_entity.type
_entity.pdbx_description
1 polymer 'CDK-activating kinase assembly factor MAT1'
2 polymer Cyclin-H
3 polymer 'Cyclin-dependent kinase 7'
4 non-polymer (3R,4R)-4-[[[7-[(phenylmethyl)amino]-3-propan-2-yl-pyrazolo[1,5-a]pyrimidin-5-yl]amino]methyl]piperidin-3-ol
5 water water
#
loop_
_entity_poly.entity_id
_entity_poly.type
_entity_poly.pdbx_seq_one_letter_code
_entity_poly.pdbx_strand_id
1 'polypeptide(L)'
;SNAPVTFSTGIKMGQHISLAPIHKLEEALYEYQPLQIETYGPHVPELEMLGRLGYLNHVRAASPQDLAGGYTSSLACHRA
LQDAFSGLFWQPS
;
H
2 'polypeptide(L)'
;(ACE)MYHNSSQKRHWTFSSEEQLARLRADANRKFRCKAVANGKVLPNDPVFLEPHEEMTLCKYYEKRLLEFCSVFKPAM
PRSVVGTACMYFKRFYLNNSVMEYHPRIIMLTCAFLACKVDEFNVSSPQFVGNLRESPLGQEKALEQILEYELLLIQQLN
FHLIVHNPYRPFEGFLIDLKTRYPILENPEILRKTADDFLNRIALTDAYLLYTPSQIALTAILSSASRAGITMESYLSES
LMLKENRTCLSQLLDIMKSMRNLVKKYEPPRSEEVAVLKQKLERCHSAELALNVITKKRKGYEDDDYVSKKSKHEEEEWT
DDDLVESL
;
I
3 'polypeptide(L)'
;SNAMALDVKSRAKRYEKLDFLGEGQFATVYKARDKNTNQIVAIKKIKLGHRSEAKDGINRTALREIKLLQELSHPNIIGL
LDAFGHKSNISLVFDFMETDLEVIIKDNSLVLTPSHIKAYMLMTLQGLEYLHQHWILHRDLKPNNLLLDENGVLKLADFG
LAKSFGSPNRAYTHQVVTRWYRAPELLFGARMYGVGVDMWAVGCILAELLLRVPFLPGDSDLDQLTRIFETLGTPTEEQW
PDMCSLPDYVTFKSFPGIPLHHIFSAAGDDLLDLIQGLFLFNPCARITATQALKMKYFSNRPGPTPGCQLPRPNCPVETL
KEQSNPALAIKRKRTEALEQGGLPKKLIF
;
J
#
loop_
_chem_comp.id
_chem_comp.type
_chem_comp.name
_chem_comp.formula
ACE non-polymer 'ACETYL GROUP' 'C2 H4 O'
I74 non-polymer (3R,4R)-4-[[[7-[(phenylmethyl)amino]-3-propan-2-yl-pyrazolo[1,5-a]pyrimidin-5-yl]amino]methyl]piperidin-3-ol 'C22 H30 N6 O'
#
# COMPACT_ATOMS: atom_id res chain seq x y z
N ALA A 28 28.00 19.82 12.57
CA ALA A 28 26.78 19.46 11.87
C ALA A 28 26.84 18.00 11.41
N LEU A 29 27.14 17.11 12.34
CA LEU A 29 27.25 15.68 12.04
C LEU A 29 25.90 15.02 12.14
N TYR A 30 25.62 14.12 11.19
CA TYR A 30 24.38 13.37 11.24
C TYR A 30 24.39 12.37 12.39
N GLU A 31 23.25 12.23 13.05
CA GLU A 31 23.05 11.22 14.08
C GLU A 31 21.73 10.52 13.81
N TYR A 32 21.77 9.19 13.76
CA TYR A 32 20.58 8.43 13.40
C TYR A 32 19.54 8.49 14.51
N GLN A 33 18.33 8.95 14.16
CA GLN A 33 17.19 8.90 15.05
C GLN A 33 16.15 7.97 14.45
N PRO A 34 15.70 6.94 15.18
CA PRO A 34 14.67 6.05 14.64
C PRO A 34 13.37 6.81 14.38
N LEU A 35 12.63 6.35 13.37
CA LEU A 35 11.38 7.00 13.01
C LEU A 35 10.38 6.90 14.15
N GLN A 36 9.78 8.03 14.50
CA GLN A 36 8.82 8.11 15.61
C GLN A 36 7.42 8.17 15.02
N ILE A 37 6.82 7.00 14.85
CA ILE A 37 5.45 6.88 14.34
C ILE A 37 4.64 6.14 15.39
N GLU A 38 3.66 6.82 15.96
CA GLU A 38 2.80 6.20 16.97
C GLU A 38 1.85 5.21 16.30
N THR A 39 1.76 4.01 16.86
CA THR A 39 0.96 2.95 16.28
C THR A 39 -0.40 2.77 16.97
N TYR A 40 -0.61 3.41 18.12
CA TYR A 40 -1.87 3.29 18.87
C TYR A 40 -2.21 1.83 19.16
N GLY A 41 -1.18 1.04 19.47
CA GLY A 41 -1.37 -0.36 19.71
C GLY A 41 -0.21 -0.99 20.48
N PRO A 42 -0.31 -2.29 20.72
CA PRO A 42 0.74 -2.98 21.48
C PRO A 42 2.07 -2.99 20.75
N HIS A 43 3.15 -3.08 21.53
CA HIS A 43 4.48 -3.13 20.96
C HIS A 43 4.65 -4.37 20.09
N VAL A 44 5.29 -4.18 18.94
CA VAL A 44 5.54 -5.25 17.98
C VAL A 44 7.00 -5.68 18.11
N PRO A 45 7.29 -6.97 18.26
CA PRO A 45 8.68 -7.41 18.36
C PRO A 45 9.45 -7.12 17.08
N GLU A 46 10.75 -6.86 17.24
CA GLU A 46 11.58 -6.51 16.09
C GLU A 46 11.72 -7.69 15.15
N LEU A 47 12.03 -7.36 13.89
CA LEU A 47 12.10 -8.38 12.84
C LEU A 47 13.13 -9.46 13.17
N GLU A 48 14.32 -9.04 13.63
CA GLU A 48 15.40 -10.00 13.90
C GLU A 48 15.07 -10.92 15.07
N MET A 49 14.19 -10.52 15.98
CA MET A 49 13.88 -11.29 17.17
C MET A 49 12.73 -12.26 16.98
N LEU A 50 12.08 -12.25 15.82
CA LEU A 50 10.96 -13.17 15.60
C LEU A 50 11.42 -14.62 15.68
N GLY A 51 12.65 -14.89 15.27
CA GLY A 51 13.15 -16.25 15.28
C GLY A 51 13.27 -16.84 16.68
N ARG A 52 13.85 -16.10 17.62
CA ARG A 52 14.01 -16.64 18.97
C ARG A 52 12.67 -16.78 19.67
N LEU A 53 11.77 -15.81 19.51
CA LEU A 53 10.55 -15.76 20.28
C LEU A 53 9.57 -16.85 19.87
N GLY A 54 9.83 -17.55 18.78
CA GLY A 54 8.98 -18.63 18.34
C GLY A 54 7.90 -18.24 17.36
N TYR A 55 7.86 -16.99 16.90
CA TYR A 55 6.81 -16.58 15.96
C TYR A 55 6.93 -17.34 14.64
N LEU A 56 8.15 -17.50 14.14
CA LEU A 56 8.35 -18.09 12.82
C LEU A 56 7.93 -19.56 12.74
N ASN A 57 7.72 -20.21 13.88
CA ASN A 57 7.20 -21.58 13.87
C ASN A 57 5.74 -21.65 13.47
N HIS A 58 5.07 -20.50 13.33
CA HIS A 58 3.66 -20.46 12.98
C HIS A 58 3.39 -19.76 11.65
N VAL A 59 4.43 -19.27 10.98
CA VAL A 59 4.32 -18.71 9.64
C VAL A 59 4.99 -19.69 8.67
N ARG A 60 4.52 -19.70 7.43
CA ARG A 60 5.02 -20.65 6.44
C ARG A 60 6.46 -20.32 6.07
N ALA A 61 7.28 -21.35 5.95
CA ALA A 61 8.69 -21.18 5.62
C ALA A 61 8.84 -20.60 4.21
N ALA A 62 9.89 -19.80 4.03
CA ALA A 62 10.19 -19.22 2.74
C ALA A 62 10.98 -20.21 1.89
N SER A 63 10.55 -20.39 0.64
CA SER A 63 11.16 -21.36 -0.25
C SER A 63 12.56 -20.91 -0.66
N PRO A 64 13.39 -21.84 -1.14
CA PRO A 64 14.75 -21.44 -1.57
C PRO A 64 14.77 -20.35 -2.62
N GLN A 65 13.86 -20.38 -3.58
CA GLN A 65 13.78 -19.29 -4.55
C GLN A 65 13.32 -18.00 -3.90
N ASP A 66 12.45 -18.09 -2.89
CA ASP A 66 12.05 -16.90 -2.16
C ASP A 66 13.23 -16.29 -1.42
N LEU A 67 14.03 -17.14 -0.75
CA LEU A 67 15.20 -16.65 -0.03
C LEU A 67 16.24 -16.07 -0.98
N ALA A 68 16.42 -16.69 -2.14
CA ALA A 68 17.39 -16.21 -3.11
C ALA A 68 17.11 -14.78 -3.55
N GLY A 69 15.84 -14.41 -3.64
CA GLY A 69 15.45 -13.07 -4.00
C GLY A 69 15.39 -12.08 -2.86
N GLY A 70 15.59 -12.53 -1.62
CA GLY A 70 15.55 -11.66 -0.47
C GLY A 70 14.27 -11.71 0.35
N TYR A 71 13.33 -12.59 0.01
CA TYR A 71 12.10 -12.72 0.78
C TYR A 71 12.28 -13.77 1.86
N THR A 72 11.88 -13.43 3.07
CA THR A 72 11.94 -14.33 4.22
C THR A 72 10.58 -14.37 4.90
N SER A 73 10.30 -15.50 5.56
CA SER A 73 9.06 -15.63 6.32
C SER A 73 8.96 -14.60 7.44
N SER A 74 10.10 -14.07 7.90
CA SER A 74 10.08 -13.03 8.92
C SER A 74 9.33 -11.80 8.43
N LEU A 75 9.43 -11.48 7.14
CA LEU A 75 8.73 -10.31 6.61
C LEU A 75 7.22 -10.48 6.72
N ALA A 76 6.71 -11.62 6.27
CA ALA A 76 5.27 -11.86 6.35
C ALA A 76 4.79 -11.88 7.80
N CYS A 77 5.54 -12.55 8.68
CA CYS A 77 5.15 -12.60 10.08
C CYS A 77 5.14 -11.20 10.71
N HIS A 78 6.16 -10.40 10.42
CA HIS A 78 6.24 -9.06 10.98
C HIS A 78 5.12 -8.17 10.48
N ARG A 79 4.81 -8.24 9.18
CA ARG A 79 3.71 -7.42 8.68
C ARG A 79 2.38 -7.85 9.28
N ALA A 80 2.16 -9.17 9.41
CA ALA A 80 0.91 -9.64 10.02
C ALA A 80 0.78 -9.15 11.46
N LEU A 81 1.86 -9.25 12.25
CA LEU A 81 1.80 -8.79 13.62
C LEU A 81 1.57 -7.28 13.69
N GLN A 82 2.25 -6.51 12.84
CA GLN A 82 2.08 -5.07 12.84
C GLN A 82 0.64 -4.69 12.51
N ASP A 83 0.05 -5.34 11.52
CA ASP A 83 -1.34 -5.04 11.17
C ASP A 83 -2.29 -5.47 12.28
N ALA A 84 -1.98 -6.58 12.97
CA ALA A 84 -2.81 -7.00 14.09
C ALA A 84 -2.79 -5.99 15.22
N PHE A 85 -1.64 -5.37 15.47
CA PHE A 85 -1.53 -4.46 16.60
C PHE A 85 -1.82 -3.01 16.25
N SER A 86 -1.85 -2.66 14.96
CA SER A 86 -2.03 -1.27 14.57
C SER A 86 -3.39 -0.74 15.01
N GLY A 87 -3.38 0.34 15.78
CA GLY A 87 -4.60 1.03 16.16
C GLY A 87 -5.59 0.20 16.94
N LEU A 88 -5.12 -0.80 17.68
CA LEU A 88 -6.04 -1.58 18.51
C LEU A 88 -6.64 -0.73 19.63
N PHE A 89 -5.88 0.25 20.13
CA PHE A 89 -6.31 1.08 21.24
C PHE A 89 -6.82 2.43 20.79
N TRP A 90 -7.03 2.62 19.50
CA TRP A 90 -7.43 3.92 18.97
C TRP A 90 -8.94 4.01 18.84
N GLN A 91 -9.49 5.18 19.17
CA GLN A 91 -10.91 5.44 19.05
C GLN A 91 -11.12 6.76 18.31
N PRO A 92 -12.11 6.81 17.41
CA PRO A 92 -12.46 8.02 16.65
C PRO A 92 -12.87 9.18 17.55
C ACE B 1 0.13 1.00 5.27
O ACE B 1 -0.08 -0.21 5.30
CH3 ACE B 1 0.54 1.71 4.01
N MET B 2 0.01 1.76 6.35
CA MET B 2 -0.38 1.20 7.63
C MET B 2 -1.62 1.91 8.16
N TYR B 3 -2.44 1.20 8.92
CA TYR B 3 -3.72 1.76 9.35
C TYR B 3 -3.54 2.97 10.25
N HIS B 4 -2.55 2.93 11.15
CA HIS B 4 -2.43 3.95 12.18
C HIS B 4 -2.10 5.33 11.63
N ASN B 5 -1.71 5.44 10.36
CA ASN B 5 -1.59 6.74 9.71
C ASN B 5 -2.27 6.73 8.35
N SER B 6 -3.32 5.94 8.20
CA SER B 6 -3.99 5.74 6.93
C SER B 6 -5.10 6.78 6.73
N SER B 7 -5.54 6.89 5.47
CA SER B 7 -6.69 7.73 5.18
C SER B 7 -7.97 7.11 5.74
N GLN B 8 -8.02 5.79 5.85
CA GLN B 8 -9.18 5.14 6.45
C GLN B 8 -9.40 5.60 7.89
N LYS B 9 -8.33 5.57 8.69
CA LYS B 9 -8.42 6.03 10.07
C LYS B 9 -8.72 7.52 10.15
N ARG B 10 -8.07 8.33 9.31
CA ARG B 10 -8.18 9.78 9.40
C ARG B 10 -9.55 10.27 8.96
N HIS B 11 -10.13 9.65 7.93
CA HIS B 11 -11.28 10.23 7.24
C HIS B 11 -12.49 9.32 7.12
N TRP B 12 -12.37 8.01 7.36
CA TRP B 12 -13.47 7.09 7.11
C TRP B 12 -13.73 6.16 8.30
N THR B 13 -13.38 6.61 9.50
CA THR B 13 -13.74 5.93 10.74
C THR B 13 -14.48 6.93 11.61
N PHE B 14 -15.77 6.72 11.78
CA PHE B 14 -16.64 7.73 12.37
C PHE B 14 -16.93 7.43 13.83
N SER B 15 -17.45 8.45 14.52
CA SER B 15 -17.59 8.39 15.98
C SER B 15 -18.76 7.53 16.41
N SER B 16 -19.88 7.57 15.68
CA SER B 16 -21.09 6.87 16.13
C SER B 16 -21.99 6.60 14.94
N GLU B 17 -22.95 5.69 15.15
CA GLU B 17 -23.96 5.42 14.13
C GLU B 17 -24.81 6.65 13.85
N GLU B 18 -24.93 7.55 14.82
CA GLU B 18 -25.73 8.76 14.64
C GLU B 18 -25.12 9.66 13.57
N GLN B 19 -23.79 9.78 13.54
CA GLN B 19 -23.16 10.59 12.49
C GLN B 19 -23.35 9.96 11.11
N LEU B 20 -23.28 8.64 11.01
CA LEU B 20 -23.53 7.98 9.74
C LEU B 20 -24.97 8.21 9.29
N ALA B 21 -25.93 8.10 10.22
CA ALA B 21 -27.31 8.37 9.89
C ALA B 21 -27.49 9.82 9.42
N ARG B 22 -26.77 10.75 10.06
CA ARG B 22 -26.87 12.14 9.64
C ARG B 22 -26.33 12.35 8.23
N LEU B 23 -25.21 11.72 7.90
CA LEU B 23 -24.68 11.81 6.54
C LEU B 23 -25.65 11.22 5.53
N ARG B 24 -26.22 10.06 5.84
CA ARG B 24 -27.16 9.42 4.92
C ARG B 24 -28.42 10.27 4.73
N ALA B 25 -28.95 10.82 5.82
CA ALA B 25 -30.13 11.67 5.73
C ALA B 25 -29.83 12.95 4.95
N ASP B 26 -28.64 13.52 5.13
CA ASP B 26 -28.25 14.70 4.38
C ASP B 26 -28.19 14.39 2.88
N ALA B 27 -27.63 13.23 2.52
CA ALA B 27 -27.61 12.85 1.11
C ALA B 27 -29.03 12.70 0.56
N ASN B 28 -29.91 12.05 1.34
CA ASN B 28 -31.29 11.85 0.90
C ASN B 28 -31.99 13.18 0.67
N ARG B 29 -31.87 14.11 1.62
CA ARG B 29 -32.53 15.40 1.49
C ARG B 29 -31.91 16.25 0.39
N LYS B 30 -30.59 16.12 0.16
CA LYS B 30 -29.96 16.86 -0.93
C LYS B 30 -30.49 16.39 -2.27
N PHE B 31 -30.61 15.07 -2.46
CA PHE B 31 -31.20 14.58 -3.71
C PHE B 31 -32.65 15.03 -3.84
N ARG B 32 -33.41 14.99 -2.74
CA ARG B 32 -34.80 15.45 -2.80
C ARG B 32 -34.88 16.91 -3.24
N CYS B 33 -34.01 17.76 -2.69
CA CYS B 33 -34.02 19.17 -3.06
C CYS B 33 -33.68 19.36 -4.52
N LYS B 34 -32.66 18.63 -5.01
CA LYS B 34 -32.33 18.75 -6.43
C LYS B 34 -33.47 18.28 -7.32
N ALA B 35 -34.12 17.18 -6.96
CA ALA B 35 -35.22 16.66 -7.77
C ALA B 35 -36.39 17.61 -7.78
N VAL B 36 -36.71 18.21 -6.62
CA VAL B 36 -37.80 19.16 -6.57
C VAL B 36 -37.48 20.41 -7.38
N ALA B 37 -36.25 20.94 -7.23
CA ALA B 37 -35.86 22.12 -7.99
C ALA B 37 -35.82 21.85 -9.48
N ASN B 38 -35.62 20.60 -9.90
CA ASN B 38 -35.71 20.27 -11.32
C ASN B 38 -37.10 20.51 -11.86
N GLY B 39 -38.13 20.12 -11.11
CA GLY B 39 -39.51 20.25 -11.56
C GLY B 39 -39.95 21.69 -11.75
N ASP B 45 -43.62 14.51 -3.80
CA ASP B 45 -44.44 13.35 -4.12
C ASP B 45 -43.81 12.08 -3.55
N PRO B 46 -44.62 11.04 -3.33
CA PRO B 46 -44.13 9.84 -2.64
C PRO B 46 -43.22 8.94 -3.46
N VAL B 47 -42.73 9.39 -4.62
CA VAL B 47 -41.78 8.58 -5.37
C VAL B 47 -40.46 8.47 -4.61
N PHE B 48 -40.10 9.49 -3.83
CA PHE B 48 -38.81 9.52 -3.16
C PHE B 48 -38.68 8.38 -2.16
N LEU B 49 -37.45 7.91 -2.00
CA LEU B 49 -37.14 6.85 -1.06
C LEU B 49 -36.76 7.47 0.29
N GLU B 50 -37.30 6.90 1.36
CA GLU B 50 -36.92 7.32 2.70
C GLU B 50 -35.53 6.77 3.05
N PRO B 51 -34.82 7.43 3.95
CA PRO B 51 -33.44 6.98 4.27
C PRO B 51 -33.36 5.54 4.76
N HIS B 52 -34.34 5.07 5.54
CA HIS B 52 -34.31 3.67 5.95
C HIS B 52 -34.55 2.73 4.77
N GLU B 53 -35.39 3.15 3.82
CA GLU B 53 -35.55 2.39 2.59
C GLU B 53 -34.26 2.37 1.78
N GLU B 54 -33.55 3.49 1.74
CA GLU B 54 -32.24 3.53 1.10
C GLU B 54 -31.27 2.58 1.79
N MET B 55 -31.31 2.52 3.12
CA MET B 55 -30.45 1.60 3.86
C MET B 55 -30.78 0.16 3.53
N THR B 56 -32.07 -0.17 3.45
CA THR B 56 -32.46 -1.53 3.08
C THR B 56 -31.97 -1.90 1.69
N LEU B 57 -32.13 -0.97 0.73
CA LEU B 57 -31.64 -1.24 -0.62
C LEU B 57 -30.13 -1.38 -0.65
N CYS B 58 -29.42 -0.56 0.13
CA CYS B 58 -27.97 -0.63 0.17
C CYS B 58 -27.50 -1.96 0.76
N LYS B 59 -28.18 -2.45 1.79
CA LYS B 59 -27.84 -3.75 2.35
C LYS B 59 -28.11 -4.87 1.34
N TYR B 60 -29.23 -4.78 0.62
CA TYR B 60 -29.52 -5.77 -0.42
C TYR B 60 -28.44 -5.77 -1.49
N TYR B 61 -28.02 -4.59 -1.93
CA TYR B 61 -27.03 -4.52 -3.00
C TYR B 61 -25.62 -4.81 -2.52
N GLU B 62 -25.34 -4.63 -1.22
CA GLU B 62 -24.09 -5.15 -0.68
C GLU B 62 -24.07 -6.66 -0.70
N LYS B 63 -25.21 -7.29 -0.37
CA LYS B 63 -25.31 -8.73 -0.54
C LYS B 63 -25.09 -9.15 -1.99
N ARG B 64 -25.67 -8.38 -2.92
CA ARG B 64 -25.47 -8.66 -4.35
C ARG B 64 -24.00 -8.52 -4.75
N LEU B 65 -23.34 -7.47 -4.24
CA LEU B 65 -21.91 -7.29 -4.52
C LEU B 65 -21.09 -8.45 -3.98
N LEU B 66 -21.43 -8.94 -2.78
CA LEU B 66 -20.73 -10.09 -2.22
C LEU B 66 -20.92 -11.31 -3.09
N GLU B 67 -22.15 -11.54 -3.57
CA GLU B 67 -22.39 -12.67 -4.46
C GLU B 67 -21.60 -12.53 -5.75
N PHE B 68 -21.57 -11.33 -6.32
CA PHE B 68 -20.83 -11.09 -7.56
C PHE B 68 -19.34 -11.36 -7.37
N CYS B 69 -18.77 -10.86 -6.27
CA CYS B 69 -17.36 -11.07 -6.01
C CYS B 69 -17.05 -12.52 -5.67
N SER B 70 -18.03 -13.25 -5.13
CA SER B 70 -17.82 -14.66 -4.81
C SER B 70 -17.86 -15.55 -6.04
N VAL B 71 -18.69 -15.20 -7.04
CA VAL B 71 -18.71 -15.97 -8.29
C VAL B 71 -17.73 -15.43 -9.32
N PHE B 72 -16.98 -14.38 -9.00
CA PHE B 72 -16.07 -13.79 -9.97
C PHE B 72 -15.00 -14.77 -10.39
N LYS B 73 -14.71 -14.79 -11.69
CA LYS B 73 -13.71 -15.67 -12.26
C LYS B 73 -12.75 -14.83 -13.11
N PRO B 74 -11.43 -14.92 -12.88
CA PRO B 74 -10.72 -15.79 -11.93
C PRO B 74 -10.97 -15.42 -10.48
N ALA B 75 -10.56 -16.27 -9.54
CA ALA B 75 -10.91 -16.10 -8.13
C ALA B 75 -10.47 -14.73 -7.62
N MET B 76 -11.39 -14.02 -7.00
CA MET B 76 -11.09 -12.71 -6.44
C MET B 76 -10.51 -12.87 -5.04
N PRO B 77 -9.35 -12.29 -4.75
CA PRO B 77 -8.83 -12.33 -3.38
C PRO B 77 -9.79 -11.63 -2.42
N ARG B 78 -9.83 -12.14 -1.19
CA ARG B 78 -10.69 -11.55 -0.17
C ARG B 78 -10.38 -10.08 0.05
N SER B 79 -9.13 -9.68 -0.18
CA SER B 79 -8.77 -8.27 -0.08
C SER B 79 -9.56 -7.42 -1.07
N VAL B 80 -9.72 -7.92 -2.30
CA VAL B 80 -10.48 -7.16 -3.30
C VAL B 80 -11.93 -7.03 -2.87
N VAL B 81 -12.52 -8.11 -2.37
CA VAL B 81 -13.92 -8.07 -1.95
C VAL B 81 -14.12 -7.09 -0.80
N GLY B 82 -13.21 -7.12 0.19
CA GLY B 82 -13.31 -6.17 1.27
C GLY B 82 -13.16 -4.74 0.80
N THR B 83 -12.21 -4.49 -0.10
CA THR B 83 -12.03 -3.14 -0.64
C THR B 83 -13.28 -2.68 -1.37
N ALA B 84 -13.87 -3.55 -2.19
CA ALA B 84 -15.05 -3.18 -2.95
C ALA B 84 -16.24 -2.91 -2.04
N CYS B 85 -16.45 -3.75 -1.03
CA CYS B 85 -17.55 -3.54 -0.09
C CYS B 85 -17.36 -2.24 0.69
N MET B 86 -16.12 -1.94 1.08
CA MET B 86 -15.84 -0.67 1.73
C MET B 86 -16.13 0.50 0.80
N TYR B 87 -15.78 0.34 -0.48
CA TYR B 87 -16.09 1.38 -1.46
C TYR B 87 -17.59 1.62 -1.56
N PHE B 88 -18.37 0.55 -1.60
CA PHE B 88 -19.82 0.67 -1.66
C PHE B 88 -20.37 1.40 -0.43
N LYS B 89 -19.93 0.97 0.76
CA LYS B 89 -20.37 1.60 1.99
C LYS B 89 -20.03 3.08 2.01
N ARG B 90 -18.78 3.42 1.67
CA ARG B 90 -18.38 4.82 1.67
C ARG B 90 -19.16 5.63 0.65
N PHE B 91 -19.38 5.07 -0.53
CA PHE B 91 -20.10 5.80 -1.57
C PHE B 91 -21.50 6.16 -1.11
N TYR B 92 -22.23 5.19 -0.56
CA TYR B 92 -23.62 5.46 -0.22
C TYR B 92 -23.79 6.10 1.15
N LEU B 93 -22.69 6.43 1.83
CA LEU B 93 -22.78 7.34 2.97
C LEU B 93 -23.21 8.72 2.53
N ASN B 94 -22.69 9.20 1.40
CA ASN B 94 -22.88 10.58 0.98
C ASN B 94 -23.56 10.69 -0.38
N ASN B 95 -24.19 9.62 -0.86
CA ASN B 95 -24.86 9.62 -2.13
C ASN B 95 -26.15 8.81 -2.02
N SER B 96 -27.20 9.27 -2.69
CA SER B 96 -28.48 8.59 -2.68
C SER B 96 -28.51 7.52 -3.77
N VAL B 97 -29.10 6.37 -3.43
CA VAL B 97 -29.32 5.34 -4.45
C VAL B 97 -30.33 5.81 -5.48
N MET B 98 -31.09 6.88 -5.16
CA MET B 98 -32.05 7.42 -6.11
C MET B 98 -31.37 8.17 -7.26
N GLU B 99 -30.17 8.69 -7.03
CA GLU B 99 -29.41 9.35 -8.08
C GLU B 99 -28.53 8.37 -8.84
N TYR B 100 -27.64 7.68 -8.12
CA TYR B 100 -26.75 6.69 -8.72
C TYR B 100 -27.25 5.31 -8.35
N HIS B 101 -27.52 4.48 -9.36
CA HIS B 101 -28.14 3.19 -9.11
C HIS B 101 -27.13 2.25 -8.47
N PRO B 102 -27.46 1.63 -7.33
CA PRO B 102 -26.49 0.72 -6.68
C PRO B 102 -26.12 -0.48 -7.52
N ARG B 103 -26.97 -0.90 -8.46
CA ARG B 103 -26.62 -2.00 -9.35
C ARG B 103 -25.37 -1.66 -10.16
N ILE B 104 -25.28 -0.43 -10.66
CA ILE B 104 -24.08 -0.02 -11.39
C ILE B 104 -22.94 0.31 -10.44
N ILE B 105 -23.26 0.96 -9.32
CA ILE B 105 -22.21 1.43 -8.41
C ILE B 105 -21.45 0.27 -7.80
N MET B 106 -22.13 -0.83 -7.49
CA MET B 106 -21.42 -1.97 -6.90
C MET B 106 -20.45 -2.59 -7.90
N LEU B 107 -20.84 -2.70 -9.17
CA LEU B 107 -19.92 -3.20 -10.18
C LEU B 107 -18.74 -2.26 -10.36
N THR B 108 -18.99 -0.96 -10.34
CA THR B 108 -17.91 0.01 -10.40
C THR B 108 -16.97 -0.14 -9.21
N CYS B 109 -17.54 -0.40 -8.03
CA CYS B 109 -16.73 -0.63 -6.84
C CYS B 109 -15.82 -1.84 -7.02
N ALA B 110 -16.38 -2.94 -7.54
CA ALA B 110 -15.58 -4.12 -7.79
C ALA B 110 -14.48 -3.87 -8.82
N PHE B 111 -14.81 -3.13 -9.89
CA PHE B 111 -13.84 -2.80 -10.94
C PHE B 111 -12.67 -2.00 -10.37
N LEU B 112 -12.99 -0.92 -9.64
CA LEU B 112 -11.96 -0.09 -9.05
C LEU B 112 -11.17 -0.85 -8.00
N ALA B 113 -11.83 -1.73 -7.24
CA ALA B 113 -11.12 -2.52 -6.24
C ALA B 113 -10.13 -3.46 -6.89
N CYS B 114 -10.53 -4.12 -7.98
CA CYS B 114 -9.61 -4.99 -8.69
C CYS B 114 -8.39 -4.21 -9.18
N LYS B 115 -8.61 -2.99 -9.68
CA LYS B 115 -7.46 -2.19 -10.09
C LYS B 115 -6.57 -1.80 -8.90
N VAL B 116 -7.19 -1.33 -7.81
CA VAL B 116 -6.42 -0.75 -6.71
C VAL B 116 -5.60 -1.81 -6.00
N ASP B 117 -6.18 -2.98 -5.77
CA ASP B 117 -5.51 -4.01 -4.99
C ASP B 117 -4.63 -4.90 -5.89
N GLU B 118 -4.34 -4.44 -7.12
CA GLU B 118 -3.40 -5.10 -8.03
C GLU B 118 -3.85 -6.50 -8.40
N PHE B 119 -5.17 -6.69 -8.56
CA PHE B 119 -5.73 -7.95 -9.05
C PHE B 119 -6.00 -7.76 -10.54
N ASN B 120 -4.98 -8.02 -11.36
CA ASN B 120 -5.02 -7.66 -12.77
C ASN B 120 -5.97 -8.57 -13.52
N VAL B 121 -7.10 -8.00 -13.96
CA VAL B 121 -8.00 -8.66 -14.90
C VAL B 121 -8.36 -7.66 -15.97
N SER B 122 -8.47 -8.12 -17.21
CA SER B 122 -8.84 -7.23 -18.31
C SER B 122 -10.32 -6.87 -18.20
N SER B 123 -10.67 -5.73 -18.78
CA SER B 123 -12.06 -5.28 -18.79
C SER B 123 -13.02 -6.30 -19.39
N PRO B 124 -12.74 -6.93 -20.54
CA PRO B 124 -13.66 -7.96 -21.04
C PRO B 124 -13.81 -9.15 -20.10
N GLN B 125 -12.73 -9.61 -19.46
CA GLN B 125 -12.89 -10.74 -18.55
C GLN B 125 -13.55 -10.31 -17.24
N PHE B 126 -13.53 -9.01 -16.92
CA PHE B 126 -14.35 -8.53 -15.83
C PHE B 126 -15.82 -8.59 -16.18
N VAL B 127 -16.21 -7.94 -17.28
CA VAL B 127 -17.63 -7.87 -17.63
C VAL B 127 -18.20 -9.19 -18.10
N GLY B 128 -17.35 -10.16 -18.45
CA GLY B 128 -17.86 -11.48 -18.79
C GLY B 128 -18.43 -12.23 -17.61
N ASN B 129 -18.04 -11.86 -16.38
CA ASN B 129 -18.60 -12.47 -15.19
C ASN B 129 -20.08 -12.14 -15.01
N LEU B 130 -20.54 -11.01 -15.55
CA LEU B 130 -21.95 -10.66 -15.47
C LEU B 130 -22.79 -11.63 -16.28
N ARG B 131 -23.97 -11.96 -15.74
CA ARG B 131 -24.87 -12.92 -16.38
C ARG B 131 -25.88 -12.20 -17.27
N GLU B 132 -25.36 -11.57 -18.33
CA GLU B 132 -26.19 -10.83 -19.27
C GLU B 132 -25.68 -11.08 -20.70
N SER B 133 -26.41 -10.55 -21.66
CA SER B 133 -26.06 -10.70 -23.06
C SER B 133 -24.79 -9.92 -23.38
N PRO B 134 -24.08 -10.31 -24.45
CA PRO B 134 -22.87 -9.56 -24.82
C PRO B 134 -23.12 -8.08 -25.03
N LEU B 135 -24.25 -7.73 -25.64
CA LEU B 135 -24.64 -6.32 -25.72
C LEU B 135 -24.88 -5.75 -24.34
N GLY B 136 -25.57 -6.49 -23.47
CA GLY B 136 -25.77 -6.05 -22.11
C GLY B 136 -24.45 -5.94 -21.35
N GLN B 137 -23.52 -6.87 -21.61
CA GLN B 137 -22.22 -6.80 -20.97
C GLN B 137 -21.46 -5.55 -21.41
N GLU B 138 -21.52 -5.21 -22.70
CA GLU B 138 -20.83 -4.00 -23.15
C GLU B 138 -21.50 -2.74 -22.65
N LYS B 139 -22.83 -2.74 -22.53
CA LYS B 139 -23.54 -1.60 -21.94
C LYS B 139 -23.13 -1.42 -20.48
N ALA B 140 -23.06 -2.52 -19.72
CA ALA B 140 -22.61 -2.45 -18.34
C ALA B 140 -21.17 -1.96 -18.25
N LEU B 141 -20.32 -2.41 -19.18
CA LEU B 141 -18.94 -1.92 -19.23
C LEU B 141 -18.90 -0.41 -19.46
N GLU B 142 -19.72 0.08 -20.38
CA GLU B 142 -19.75 1.53 -20.63
C GLU B 142 -20.19 2.29 -19.39
N GLN B 143 -21.23 1.80 -18.70
CA GLN B 143 -21.68 2.49 -17.49
C GLN B 143 -20.62 2.44 -16.40
N ILE B 144 -19.92 1.32 -16.26
CA ILE B 144 -18.85 1.22 -15.28
C ILE B 144 -17.74 2.22 -15.59
N LEU B 145 -17.39 2.36 -16.87
CA LEU B 145 -16.37 3.34 -17.24
C LEU B 145 -16.84 4.76 -16.97
N GLU B 146 -18.13 5.05 -17.20
CA GLU B 146 -18.64 6.38 -16.86
C GLU B 146 -18.56 6.65 -15.37
N TYR B 147 -18.85 5.64 -14.55
CA TYR B 147 -18.97 5.84 -13.11
C TYR B 147 -17.67 5.59 -12.34
N GLU B 148 -16.59 5.13 -12.99
CA GLU B 148 -15.35 4.87 -12.26
C GLU B 148 -14.76 6.15 -11.68
N LEU B 149 -14.68 7.20 -12.50
CA LEU B 149 -14.17 8.46 -12.00
C LEU B 149 -15.08 9.05 -10.94
N LEU B 150 -16.39 8.91 -11.12
CA LEU B 150 -17.33 9.40 -10.10
C LEU B 150 -17.13 8.69 -8.78
N LEU B 151 -16.97 7.36 -8.81
CA LEU B 151 -16.71 6.60 -7.59
C LEU B 151 -15.41 7.06 -6.93
N ILE B 152 -14.37 7.25 -7.73
CA ILE B 152 -13.10 7.72 -7.17
C ILE B 152 -13.26 9.08 -6.52
N GLN B 153 -14.00 9.98 -7.17
CA GLN B 153 -14.22 11.31 -6.62
C GLN B 153 -15.00 11.26 -5.30
N GLN B 154 -16.02 10.40 -5.23
CA GLN B 154 -16.84 10.30 -4.03
C GLN B 154 -16.11 9.61 -2.88
N LEU B 155 -15.07 8.84 -3.18
CA LEU B 155 -14.18 8.31 -2.14
C LEU B 155 -13.12 9.32 -1.73
N ASN B 156 -13.13 10.52 -2.32
CA ASN B 156 -12.11 11.55 -2.08
C ASN B 156 -10.71 11.04 -2.38
N PHE B 157 -10.60 10.16 -3.38
CA PHE B 157 -9.33 9.61 -3.83
C PHE B 157 -8.61 8.85 -2.73
N HIS B 158 -9.37 8.28 -1.79
CA HIS B 158 -8.81 7.41 -0.74
C HIS B 158 -9.12 5.97 -1.15
N LEU B 159 -8.13 5.33 -1.76
CA LEU B 159 -8.36 4.04 -2.41
C LEU B 159 -7.88 2.86 -1.61
N ILE B 160 -6.87 3.02 -0.76
CA ILE B 160 -6.38 1.91 0.05
C ILE B 160 -7.35 1.66 1.20
N VAL B 161 -7.83 0.43 1.29
CA VAL B 161 -8.76 0.02 2.35
C VAL B 161 -8.05 -1.01 3.23
N HIS B 162 -8.02 -0.75 4.52
CA HIS B 162 -7.41 -1.66 5.47
C HIS B 162 -8.48 -2.62 5.98
N ASN B 163 -8.37 -3.86 5.59
CA ASN B 163 -9.29 -4.92 5.94
C ASN B 163 -8.86 -5.57 7.26
N PRO B 164 -9.76 -6.31 7.91
CA PRO B 164 -9.38 -7.01 9.14
C PRO B 164 -8.78 -8.39 8.95
N TYR B 165 -8.58 -8.86 7.71
CA TYR B 165 -8.10 -10.22 7.50
C TYR B 165 -6.63 -10.38 7.90
N ARG B 166 -5.77 -9.46 7.47
CA ARG B 166 -4.38 -9.52 7.92
C ARG B 166 -4.25 -9.28 9.42
N PRO B 167 -4.95 -8.33 10.04
CA PRO B 167 -4.93 -8.27 11.51
C PRO B 167 -5.39 -9.56 12.17
N PHE B 168 -6.38 -10.23 11.56
CA PHE B 168 -6.83 -11.52 12.06
C PHE B 168 -5.69 -12.54 12.04
N GLU B 169 -4.96 -12.59 10.93
CA GLU B 169 -3.82 -13.50 10.83
C GLU B 169 -2.75 -13.16 11.86
N GLY B 170 -2.48 -11.86 12.04
CA GLY B 170 -1.48 -11.46 13.02
C GLY B 170 -1.87 -11.83 14.45
N PHE B 171 -3.16 -11.66 14.78
CA PHE B 171 -3.63 -12.06 16.10
C PHE B 171 -3.51 -13.57 16.28
N LEU B 172 -3.78 -14.33 15.23
CA LEU B 172 -3.62 -15.78 15.33
C LEU B 172 -2.18 -16.18 15.58
N ILE B 173 -1.24 -15.53 14.88
CA ILE B 173 0.18 -15.77 15.10
C ILE B 173 0.57 -15.44 16.54
N ASP B 174 0.09 -14.28 17.02
CA ASP B 174 0.41 -13.86 18.38
C ASP B 174 -0.16 -14.82 19.42
N LEU B 175 -1.38 -15.31 19.19
CA LEU B 175 -1.97 -16.29 20.09
C LEU B 175 -1.18 -17.59 20.10
N LYS B 176 -0.78 -18.07 18.93
CA LYS B 176 0.01 -19.30 18.85
C LYS B 176 1.35 -19.14 19.55
N THR B 177 1.91 -17.94 19.54
CA THR B 177 3.25 -17.75 20.09
C THR B 177 3.26 -17.42 21.58
N ARG B 178 2.34 -16.58 22.05
CA ARG B 178 2.42 -16.00 23.38
C ARG B 178 1.30 -16.41 24.32
N TYR B 179 0.34 -17.22 23.87
CA TYR B 179 -0.83 -17.57 24.67
C TYR B 179 -1.02 -19.08 24.67
N PRO B 180 -0.16 -19.81 25.38
CA PRO B 180 -0.35 -21.27 25.45
C PRO B 180 -1.62 -21.69 26.17
N ILE B 181 -2.25 -20.80 26.94
CA ILE B 181 -3.52 -21.11 27.56
C ILE B 181 -4.54 -21.53 26.50
N LEU B 182 -4.64 -20.74 25.43
CA LEU B 182 -5.38 -21.13 24.23
C LEU B 182 -4.44 -21.99 23.39
N GLU B 183 -4.57 -23.31 23.53
CA GLU B 183 -3.57 -24.22 23.00
C GLU B 183 -3.55 -24.21 21.47
N ASN B 184 -4.72 -24.34 20.84
CA ASN B 184 -4.83 -24.37 19.39
C ASN B 184 -5.72 -23.23 18.93
N PRO B 185 -5.14 -22.06 18.63
CA PRO B 185 -5.96 -20.92 18.18
C PRO B 185 -6.66 -21.16 16.86
N GLU B 186 -6.26 -22.16 16.09
CA GLU B 186 -6.85 -22.38 14.77
C GLU B 186 -8.25 -22.98 14.83
N ILE B 187 -8.70 -23.46 16.00
CA ILE B 187 -10.09 -23.90 16.14
C ILE B 187 -11.04 -22.72 16.30
N LEU B 188 -10.52 -21.50 16.43
CA LEU B 188 -11.34 -20.30 16.46
C LEU B 188 -11.55 -19.68 15.09
N ARG B 189 -10.82 -20.15 14.07
CA ARG B 189 -10.78 -19.43 12.79
C ARG B 189 -12.14 -19.42 12.10
N LYS B 190 -12.84 -20.55 12.08
CA LYS B 190 -14.07 -20.64 11.30
C LYS B 190 -15.19 -19.78 11.90
N THR B 191 -15.41 -19.91 13.20
CA THR B 191 -16.46 -19.13 13.84
C THR B 191 -16.09 -17.65 13.88
N ALA B 192 -14.80 -17.35 14.05
CA ALA B 192 -14.37 -15.95 14.00
C ALA B 192 -14.56 -15.37 12.59
N ASP B 193 -14.34 -16.17 11.56
CA ASP B 193 -14.58 -15.71 10.19
C ASP B 193 -16.07 -15.48 9.96
N ASP B 194 -16.92 -16.36 10.49
CA ASP B 194 -18.36 -16.15 10.38
C ASP B 194 -18.77 -14.85 11.07
N PHE B 195 -18.25 -14.61 12.27
CA PHE B 195 -18.55 -13.36 12.96
C PHE B 195 -17.99 -12.17 12.21
N LEU B 196 -16.84 -12.34 11.54
CA LEU B 196 -16.30 -11.26 10.72
C LEU B 196 -17.23 -10.92 9.57
N ASN B 197 -17.78 -11.94 8.91
CA ASN B 197 -18.77 -11.69 7.86
C ASN B 197 -19.96 -10.92 8.42
N ARG B 198 -20.47 -11.36 9.58
CA ARG B 198 -21.61 -10.69 10.20
C ARG B 198 -21.29 -9.23 10.54
N ILE B 199 -20.08 -8.98 11.05
CA ILE B 199 -19.64 -7.63 11.35
C ILE B 199 -19.59 -6.79 10.08
N ALA B 200 -19.11 -7.39 8.99
CA ALA B 200 -19.04 -6.69 7.72
C ALA B 200 -20.43 -6.31 7.21
N LEU B 201 -21.44 -7.12 7.52
CA LEU B 201 -22.80 -6.75 7.15
C LEU B 201 -23.21 -5.41 7.76
N THR B 202 -22.81 -5.16 8.99
CA THR B 202 -23.21 -3.97 9.72
C THR B 202 -22.37 -2.77 9.28
N ASP B 203 -22.46 -1.68 10.03
CA ASP B 203 -21.70 -0.47 9.77
C ASP B 203 -20.38 -0.41 10.54
N ALA B 204 -19.96 -1.54 11.12
CA ALA B 204 -18.78 -1.51 12.01
C ALA B 204 -17.52 -1.10 11.26
N TYR B 205 -17.43 -1.42 9.97
CA TYR B 205 -16.21 -1.09 9.23
C TYR B 205 -16.00 0.42 9.10
N LEU B 206 -17.04 1.21 9.34
CA LEU B 206 -16.93 2.66 9.35
C LEU B 206 -16.77 3.22 10.76
N LEU B 207 -16.86 2.38 11.79
CA LEU B 207 -16.87 2.83 13.17
C LEU B 207 -15.69 2.34 14.00
N TYR B 208 -15.00 1.29 13.57
CA TYR B 208 -13.94 0.67 14.37
C TYR B 208 -12.72 0.41 13.49
N THR B 209 -11.61 0.10 14.14
CA THR B 209 -10.39 -0.23 13.44
C THR B 209 -10.40 -1.69 12.99
N PRO B 210 -9.66 -2.01 11.92
CA PRO B 210 -9.57 -3.42 11.51
C PRO B 210 -9.03 -4.33 12.59
N SER B 211 -8.05 -3.85 13.37
CA SER B 211 -7.52 -4.66 14.46
C SER B 211 -8.60 -4.90 15.52
N GLN B 212 -9.36 -3.87 15.87
CA GLN B 212 -10.44 -4.03 16.83
C GLN B 212 -11.49 -5.02 16.32
N ILE B 213 -11.81 -4.93 15.03
CA ILE B 213 -12.81 -5.83 14.45
C ILE B 213 -12.32 -7.28 14.49
N ALA B 214 -11.06 -7.49 14.11
CA ALA B 214 -10.51 -8.85 14.11
C ALA B 214 -10.44 -9.41 15.53
N LEU B 215 -10.01 -8.59 16.49
CA LEU B 215 -9.95 -9.05 17.87
C LEU B 215 -11.34 -9.33 18.43
N THR B 216 -12.32 -8.50 18.07
CA THR B 216 -13.69 -8.75 18.49
C THR B 216 -14.19 -10.07 17.95
N ALA B 217 -13.93 -10.35 16.68
CA ALA B 217 -14.34 -11.64 16.11
C ALA B 217 -13.65 -12.80 16.83
N ILE B 218 -12.35 -12.65 17.11
CA ILE B 218 -11.61 -13.74 17.76
C ILE B 218 -12.16 -13.99 19.15
N LEU B 219 -12.39 -12.94 19.93
CA LEU B 219 -12.87 -13.13 21.29
C LEU B 219 -14.32 -13.56 21.32
N SER B 220 -15.13 -13.16 20.34
CA SER B 220 -16.48 -13.69 20.23
C SER B 220 -16.46 -15.18 19.94
N SER B 221 -15.56 -15.62 19.05
CA SER B 221 -15.40 -17.05 18.79
C SER B 221 -14.94 -17.79 20.04
N ALA B 222 -14.02 -17.18 20.80
CA ALA B 222 -13.55 -17.79 22.04
C ALA B 222 -14.68 -17.91 23.06
N SER B 223 -15.48 -16.85 23.21
CA SER B 223 -16.61 -16.89 24.12
C SER B 223 -17.62 -17.95 23.70
N ARG B 224 -17.87 -18.07 22.40
CA ARG B 224 -18.80 -19.09 21.91
C ARG B 224 -18.31 -20.48 22.28
N ALA B 225 -17.02 -20.74 22.14
CA ALA B 225 -16.44 -22.01 22.56
C ALA B 225 -16.38 -22.15 24.07
N GLY B 226 -16.68 -21.09 24.83
CA GLY B 226 -16.59 -21.12 26.27
C GLY B 226 -15.26 -20.69 26.84
N ILE B 227 -14.27 -20.42 25.99
CA ILE B 227 -12.94 -20.05 26.46
C ILE B 227 -12.98 -18.60 26.94
N THR B 228 -12.57 -18.39 28.19
CA THR B 228 -12.40 -17.05 28.74
C THR B 228 -10.93 -16.70 28.65
N MET B 229 -10.59 -15.77 27.76
CA MET B 229 -9.20 -15.40 27.56
C MET B 229 -8.99 -13.91 27.73
N GLU B 230 -9.54 -13.35 28.81
CA GLU B 230 -9.22 -11.97 29.18
C GLU B 230 -7.76 -11.82 29.59
N SER B 231 -7.10 -12.92 29.94
CA SER B 231 -5.68 -12.85 30.27
C SER B 231 -4.87 -12.39 29.08
N TYR B 232 -5.19 -12.88 27.87
CA TYR B 232 -4.47 -12.44 26.69
C TYR B 232 -4.56 -10.93 26.52
N LEU B 233 -5.73 -10.35 26.80
CA LEU B 233 -5.84 -8.90 26.80
C LEU B 233 -5.00 -8.28 27.90
N SER B 234 -5.00 -8.88 29.08
CA SER B 234 -4.30 -8.29 30.23
C SER B 234 -2.84 -8.71 30.32
N GLU B 235 -2.52 -9.98 30.09
CA GLU B 235 -1.16 -10.45 30.29
C GLU B 235 -0.28 -10.32 29.05
N SER B 236 -0.86 -10.45 27.85
CA SER B 236 -0.08 -10.41 26.62
C SER B 236 -0.10 -9.03 25.96
N LEU B 237 -1.26 -8.38 25.91
CA LEU B 237 -1.34 -7.04 25.35
C LEU B 237 -0.95 -5.96 26.35
N MET B 238 -0.55 -6.34 27.56
CA MET B 238 -0.04 -5.42 28.58
C MET B 238 -1.08 -4.37 28.95
N LEU B 239 -2.36 -4.73 28.87
CA LEU B 239 -3.42 -3.81 29.29
C LEU B 239 -3.59 -3.79 30.80
N LYS B 240 -2.99 -4.73 31.53
CA LYS B 240 -2.96 -4.67 32.98
C LYS B 240 -2.12 -3.50 33.49
N GLU B 241 -1.30 -2.90 32.64
CA GLU B 241 -0.55 -1.71 32.97
C GLU B 241 -1.34 -0.43 32.72
N ASN B 242 -2.40 -0.51 31.91
CA ASN B 242 -3.25 0.64 31.60
C ASN B 242 -4.70 0.14 31.59
N ARG B 243 -5.36 0.23 32.75
CA ARG B 243 -6.68 -0.35 32.88
C ARG B 243 -7.76 0.48 32.19
N THR B 244 -7.54 1.80 32.05
CA THR B 244 -8.49 2.62 31.31
C THR B 244 -8.52 2.23 29.83
N CYS B 245 -7.35 1.96 29.25
CA CYS B 245 -7.30 1.48 27.88
C CYS B 245 -7.98 0.12 27.73
N LEU B 246 -7.79 -0.75 28.73
CA LEU B 246 -8.48 -2.04 28.73
C LEU B 246 -9.99 -1.86 28.77
N SER B 247 -10.48 -0.94 29.60
CA SER B 247 -11.91 -0.68 29.68
C SER B 247 -12.44 -0.15 28.36
N GLN B 248 -11.71 0.78 27.74
CA GLN B 248 -12.14 1.30 26.44
C GLN B 248 -12.19 0.19 25.39
N LEU B 249 -11.21 -0.70 25.41
CA LEU B 249 -11.17 -1.79 24.44
C LEU B 249 -12.33 -2.75 24.65
N LEU B 250 -12.63 -3.11 25.89
CA LEU B 250 -13.78 -3.97 26.17
C LEU B 250 -15.09 -3.30 25.77
N ASP B 251 -15.19 -1.99 25.98
CA ASP B 251 -16.39 -1.26 25.56
C ASP B 251 -16.55 -1.26 24.04
N ILE B 252 -15.43 -1.09 23.32
CA ILE B 252 -15.47 -1.16 21.86
C ILE B 252 -15.99 -2.51 21.41
N MET B 253 -15.45 -3.59 21.99
CA MET B 253 -15.87 -4.92 21.55
C MET B 253 -17.33 -5.20 21.91
N LYS B 254 -17.77 -4.74 23.08
CA LYS B 254 -19.18 -4.90 23.44
C LYS B 254 -20.09 -4.14 22.49
N SER B 255 -19.70 -2.92 22.12
CA SER B 255 -20.50 -2.14 21.18
C SER B 255 -20.56 -2.81 19.83
N MET B 256 -19.45 -3.40 19.38
CA MET B 256 -19.46 -4.12 18.10
C MET B 256 -20.37 -5.34 18.15
N ARG B 257 -20.31 -6.11 19.24
CA ARG B 257 -21.20 -7.26 19.38
C ARG B 257 -22.65 -6.80 19.40
N ASN B 258 -22.94 -5.66 20.03
CA ASN B 258 -24.30 -5.13 20.04
C ASN B 258 -24.75 -4.73 18.64
N LEU B 259 -23.88 -4.06 17.88
CA LEU B 259 -24.20 -3.72 16.49
C LEU B 259 -24.52 -4.97 15.68
N VAL B 260 -23.81 -6.05 15.93
CA VAL B 260 -24.09 -7.29 15.20
C VAL B 260 -25.42 -7.88 15.63
N LYS B 261 -25.73 -7.87 16.93
CA LYS B 261 -26.95 -8.51 17.38
C LYS B 261 -28.20 -7.75 16.94
N LYS B 262 -28.10 -6.43 16.77
CA LYS B 262 -29.23 -5.62 16.39
C LYS B 262 -29.41 -5.52 14.88
N TYR B 263 -28.48 -6.05 14.10
CA TYR B 263 -28.56 -5.94 12.64
C TYR B 263 -29.81 -6.63 12.13
N GLU B 264 -30.54 -5.93 11.26
CA GLU B 264 -31.72 -6.49 10.63
C GLU B 264 -31.47 -6.68 9.14
N PRO B 265 -31.68 -7.87 8.60
CA PRO B 265 -31.41 -8.11 7.19
C PRO B 265 -32.58 -7.66 6.33
N PRO B 266 -32.32 -7.31 5.07
CA PRO B 266 -33.42 -6.92 4.17
C PRO B 266 -34.41 -8.05 3.98
N ARG B 267 -35.69 -7.69 3.89
CA ARG B 267 -36.77 -8.66 3.69
C ARG B 267 -37.24 -8.64 2.24
N SER B 268 -37.62 -9.82 1.75
CA SER B 268 -37.89 -9.98 0.32
C SER B 268 -39.02 -9.07 -0.16
N GLU B 269 -40.13 -9.01 0.57
CA GLU B 269 -41.23 -8.16 0.12
C GLU B 269 -40.79 -6.70 0.11
N GLU B 270 -40.11 -6.29 1.18
CA GLU B 270 -39.71 -4.91 1.33
C GLU B 270 -38.72 -4.50 0.26
N VAL B 271 -37.74 -5.36 -0.04
CA VAL B 271 -36.78 -5.04 -1.08
C VAL B 271 -37.44 -5.05 -2.45
N ALA B 272 -38.42 -5.92 -2.69
CA ALA B 272 -39.14 -5.88 -3.96
C ALA B 272 -39.85 -4.55 -4.14
N VAL B 273 -40.57 -4.11 -3.09
CA VAL B 273 -41.29 -2.84 -3.15
C VAL B 273 -40.32 -1.68 -3.36
N LEU B 274 -39.24 -1.66 -2.59
CA LEU B 274 -38.28 -0.56 -2.70
C LEU B 274 -37.53 -0.61 -4.03
N LYS B 275 -37.36 -1.79 -4.62
CA LYS B 275 -36.71 -1.88 -5.93
C LYS B 275 -37.62 -1.31 -7.01
N GLN B 276 -38.92 -1.63 -6.96
CA GLN B 276 -39.84 -1.01 -7.90
C GLN B 276 -39.87 0.51 -7.72
N LYS B 277 -39.81 0.96 -6.46
CA LYS B 277 -39.76 2.40 -6.18
C LYS B 277 -38.50 3.03 -6.77
N LEU B 278 -37.35 2.36 -6.62
CA LEU B 278 -36.09 2.87 -7.13
C LEU B 278 -36.07 2.91 -8.66
N GLU B 279 -36.66 1.90 -9.30
CA GLU B 279 -36.79 1.92 -10.76
C GLU B 279 -37.65 3.08 -11.22
N ARG B 280 -38.77 3.34 -10.53
CA ARG B 280 -39.57 4.53 -10.86
C ARG B 280 -38.76 5.80 -10.67
N CYS B 281 -37.96 5.87 -9.60
CA CYS B 281 -37.14 7.06 -9.35
C CYS B 281 -36.15 7.28 -10.49
N HIS B 282 -35.51 6.22 -10.96
CA HIS B 282 -34.51 6.36 -12.01
C HIS B 282 -35.13 6.61 -13.37
N SER B 283 -36.38 6.19 -13.58
CA SER B 283 -37.06 6.53 -14.84
C SER B 283 -37.25 8.03 -15.00
N ALA B 284 -37.68 8.71 -13.93
CA ALA B 284 -37.89 10.15 -14.02
C ALA B 284 -36.62 10.93 -13.73
N GLU B 285 -35.87 10.54 -12.70
CA GLU B 285 -34.66 11.23 -12.28
C GLU B 285 -34.92 12.72 -12.00
N LYS C 13 -8.83 23.14 -13.02
CA LYS C 13 -9.76 23.42 -11.93
C LYS C 13 -9.42 24.76 -11.26
N ARG C 14 -8.40 24.76 -10.42
CA ARG C 14 -7.93 25.96 -9.73
C ARG C 14 -6.47 26.26 -10.09
N TYR C 15 -6.01 25.81 -11.24
CA TYR C 15 -4.60 25.86 -11.59
C TYR C 15 -4.40 26.57 -12.93
N GLU C 16 -3.26 27.23 -13.06
CA GLU C 16 -3.03 28.19 -14.14
C GLU C 16 -2.40 27.58 -15.39
N LYS C 17 -1.77 26.41 -15.30
CA LYS C 17 -1.16 25.73 -16.45
C LYS C 17 -0.12 26.64 -17.10
N LEU C 18 0.99 26.81 -16.37
CA LEU C 18 2.03 27.75 -16.80
C LEU C 18 2.88 27.19 -17.93
N ASP C 19 3.66 26.15 -17.65
CA ASP C 19 4.73 25.73 -18.54
C ASP C 19 4.74 24.22 -18.70
N PHE C 20 5.13 23.78 -19.90
CA PHE C 20 5.29 22.35 -20.17
C PHE C 20 6.56 21.83 -19.52
N LEU C 21 6.48 20.62 -18.97
CA LEU C 21 7.62 20.02 -18.28
C LEU C 21 8.11 18.73 -18.91
N GLY C 22 7.21 17.84 -19.32
CA GLY C 22 7.66 16.58 -19.90
C GLY C 22 6.50 15.76 -20.39
N GLU C 23 6.84 14.67 -21.08
CA GLU C 23 5.86 13.76 -21.64
C GLU C 23 6.41 12.33 -21.59
N GLY C 24 5.60 11.40 -21.10
CA GLY C 24 5.99 10.01 -21.03
C GLY C 24 4.80 9.11 -21.29
N GLN C 25 5.10 7.81 -21.38
CA GLN C 25 4.15 6.80 -21.85
C GLN C 25 2.73 7.01 -21.34
N PHE C 26 2.58 7.28 -20.04
CA PHE C 26 1.25 7.34 -19.44
C PHE C 26 0.74 8.75 -19.20
N ALA C 27 1.59 9.77 -19.25
CA ALA C 27 1.11 11.09 -18.85
C ALA C 27 2.06 12.19 -19.31
N THR C 28 1.53 13.40 -19.39
CA THR C 28 2.30 14.59 -19.66
C THR C 28 2.23 15.51 -18.45
N VAL C 29 3.37 16.08 -18.09
CA VAL C 29 3.53 16.88 -16.87
C VAL C 29 3.79 18.32 -17.26
N TYR C 30 3.06 19.24 -16.62
CA TYR C 30 3.24 20.67 -16.79
C TYR C 30 3.40 21.35 -15.43
N LYS C 31 4.02 22.52 -15.47
CA LYS C 31 4.02 23.43 -14.33
C LYS C 31 2.68 24.17 -14.27
N ALA C 32 2.26 24.53 -13.06
CA ALA C 32 0.97 25.21 -12.90
C ALA C 32 0.95 25.95 -11.57
N ARG C 33 0.35 27.14 -11.58
CA ARG C 33 0.21 27.92 -10.34
C ARG C 33 -0.97 27.38 -9.54
N ILE C 40 3.21 26.96 -6.42
CA ILE C 40 3.60 26.30 -7.65
C ILE C 40 3.54 24.79 -7.50
N VAL C 41 2.89 24.13 -8.45
CA VAL C 41 2.70 22.69 -8.44
C VAL C 41 3.02 22.14 -9.82
N ALA C 42 3.20 20.82 -9.88
CA ALA C 42 3.35 20.10 -11.13
C ALA C 42 2.15 19.21 -11.32
N ILE C 43 1.47 19.35 -12.45
CA ILE C 43 0.26 18.59 -12.75
C ILE C 43 0.61 17.59 -13.84
N LYS C 44 0.33 16.32 -13.57
CA LYS C 44 0.55 15.23 -14.52
C LYS C 44 -0.81 14.71 -14.96
N LYS C 45 -1.05 14.75 -16.27
CA LYS C 45 -2.36 14.39 -16.80
C LYS C 45 -2.40 12.92 -17.22
N LYS C 55 -11.03 0.77 -23.29
CA LYS C 55 -12.09 0.15 -22.49
C LYS C 55 -11.56 -0.31 -21.14
N ASP C 56 -10.25 -0.14 -20.93
CA ASP C 56 -9.66 -0.51 -19.66
C ASP C 56 -10.02 0.46 -18.54
N GLY C 57 -10.33 1.71 -18.87
CA GLY C 57 -10.67 2.69 -17.87
C GLY C 57 -9.50 3.57 -17.46
N ILE C 58 -9.53 4.07 -16.22
CA ILE C 58 -8.48 4.95 -15.76
C ILE C 58 -7.15 4.20 -15.70
N ASN C 59 -6.09 4.88 -16.13
CA ASN C 59 -4.77 4.27 -16.23
C ASN C 59 -4.31 3.73 -14.88
N ARG C 60 -3.85 2.47 -14.88
CA ARG C 60 -3.46 1.81 -13.62
C ARG C 60 -2.22 2.43 -13.00
N THR C 61 -1.36 3.07 -13.79
CA THR C 61 -0.21 3.77 -13.23
C THR C 61 -0.64 4.99 -12.42
N ALA C 62 -1.59 5.77 -12.96
CA ALA C 62 -2.12 6.89 -12.21
C ALA C 62 -2.82 6.43 -10.94
N LEU C 63 -3.59 5.35 -11.03
CA LEU C 63 -4.27 4.82 -9.85
C LEU C 63 -3.28 4.31 -8.82
N ARG C 64 -2.20 3.68 -9.27
CA ARG C 64 -1.16 3.23 -8.34
C ARG C 64 -0.52 4.40 -7.62
N GLU C 65 -0.20 5.46 -8.36
CA GLU C 65 0.36 6.66 -7.74
C GLU C 65 -0.61 7.25 -6.74
N ILE C 66 -1.90 7.31 -7.10
CA ILE C 66 -2.90 7.86 -6.19
C ILE C 66 -3.00 7.03 -4.92
N LYS C 67 -3.16 5.72 -5.08
CA LYS C 67 -3.44 4.87 -3.92
C LYS C 67 -2.24 4.78 -2.99
N LEU C 68 -1.02 4.87 -3.52
CA LEU C 68 0.14 4.78 -2.64
C LEU C 68 0.47 6.13 -2.03
N LEU C 69 0.47 7.20 -2.83
CA LEU C 69 0.91 8.48 -2.30
C LEU C 69 -0.09 9.13 -1.36
N GLN C 70 -1.35 8.70 -1.39
CA GLN C 70 -2.32 9.20 -0.42
C GLN C 70 -2.04 8.69 0.98
N GLU C 71 -1.51 7.47 1.09
CA GLU C 71 -1.25 6.86 2.38
C GLU C 71 0.11 7.19 2.96
N LEU C 72 0.97 7.89 2.22
CA LEU C 72 2.32 8.18 2.65
C LEU C 72 2.51 9.67 2.86
N SER C 73 3.27 10.03 3.88
CA SER C 73 3.59 11.43 4.17
C SER C 73 4.96 11.47 4.82
N HIS C 74 5.95 12.01 4.11
CA HIS C 74 7.32 12.06 4.59
C HIS C 74 8.07 13.13 3.81
N PRO C 75 9.01 13.84 4.45
CA PRO C 75 9.70 14.93 3.74
C PRO C 75 10.47 14.48 2.51
N ASN C 76 10.90 13.23 2.43
CA ASN C 76 11.67 12.74 1.30
C ASN C 76 10.87 11.81 0.40
N ILE C 77 9.54 12.00 0.38
CA ILE C 77 8.65 11.30 -0.54
C ILE C 77 7.78 12.36 -1.21
N ILE C 78 7.62 12.27 -2.53
CA ILE C 78 6.87 13.28 -3.27
C ILE C 78 5.45 13.35 -2.74
N GLY C 79 4.96 14.57 -2.54
CA GLY C 79 3.65 14.76 -1.96
C GLY C 79 2.57 14.91 -3.02
N LEU C 80 1.51 14.11 -2.89
CA LEU C 80 0.32 14.24 -3.74
C LEU C 80 -0.61 15.25 -3.08
N LEU C 81 -0.65 16.46 -3.63
CA LEU C 81 -1.42 17.54 -3.03
C LEU C 81 -2.90 17.50 -3.39
N ASP C 82 -3.23 16.98 -4.58
CA ASP C 82 -4.59 17.02 -5.08
C ASP C 82 -4.74 16.01 -6.20
N ALA C 83 -5.99 15.71 -6.55
CA ALA C 83 -6.29 14.81 -7.65
C ALA C 83 -7.68 15.11 -8.17
N PHE C 84 -7.84 15.10 -9.49
CA PHE C 84 -9.10 15.44 -10.14
C PHE C 84 -8.96 15.17 -11.62
N GLY C 85 -10.07 14.81 -12.27
CA GLY C 85 -10.02 14.53 -13.69
C GLY C 85 -11.39 14.52 -14.32
N HIS C 86 -11.42 14.14 -15.59
CA HIS C 86 -12.64 14.06 -16.38
C HIS C 86 -12.60 12.80 -17.24
N LYS C 87 -13.74 12.13 -17.35
CA LYS C 87 -13.89 10.89 -18.13
C LYS C 87 -12.92 9.86 -17.56
N SER C 88 -12.02 9.29 -18.35
CA SER C 88 -10.99 8.38 -17.86
C SER C 88 -9.62 9.05 -17.84
N ASN C 89 -9.59 10.37 -17.68
CA ASN C 89 -8.37 11.16 -17.71
C ASN C 89 -8.29 11.97 -16.41
N ILE C 90 -7.46 11.50 -15.49
CA ILE C 90 -7.27 12.13 -14.19
C ILE C 90 -5.99 12.95 -14.21
N SER C 91 -6.01 14.09 -13.52
CA SER C 91 -4.82 14.91 -13.33
C SER C 91 -4.37 14.84 -11.88
N LEU C 92 -3.08 14.58 -11.67
CA LEU C 92 -2.48 14.49 -10.35
C LEU C 92 -1.63 15.72 -10.09
N VAL C 93 -1.77 16.27 -8.89
CA VAL C 93 -1.04 17.48 -8.50
C VAL C 93 0.03 17.07 -7.50
N PHE C 94 1.27 17.43 -7.80
CA PHE C 94 2.42 17.19 -6.94
C PHE C 94 3.10 18.51 -6.64
N ASP C 95 3.94 18.50 -5.60
CA ASP C 95 4.83 19.63 -5.40
C ASP C 95 5.77 19.75 -6.61
N PHE C 96 6.13 20.99 -6.93
CA PHE C 96 7.03 21.24 -8.05
C PHE C 96 8.48 21.05 -7.61
N MET C 97 9.22 20.26 -8.38
CA MET C 97 10.61 19.96 -8.09
C MET C 97 11.50 20.58 -9.17
N GLU C 98 12.59 21.21 -8.73
CA GLU C 98 13.42 22.02 -9.61
C GLU C 98 14.30 21.16 -10.52
N THR C 99 14.85 20.05 -10.02
CA THR C 99 15.78 19.24 -10.80
C THR C 99 15.76 17.81 -10.25
N ASP C 100 16.69 16.99 -10.72
CA ASP C 100 16.82 15.62 -10.22
C ASP C 100 18.31 15.26 -10.15
N LEU C 101 18.59 14.07 -9.63
CA LEU C 101 19.98 13.66 -9.47
C LEU C 101 20.65 13.40 -10.83
N GLU C 102 19.88 13.07 -11.85
CA GLU C 102 20.46 12.82 -13.17
C GLU C 102 21.12 14.07 -13.72
N VAL C 103 20.43 15.22 -13.62
CA VAL C 103 21.00 16.48 -14.10
C VAL C 103 22.22 16.84 -13.27
N ILE C 104 22.19 16.55 -11.96
CA ILE C 104 23.34 16.81 -11.10
C ILE C 104 24.54 15.99 -11.56
N ILE C 105 24.34 14.68 -11.76
CA ILE C 105 25.43 13.80 -12.12
C ILE C 105 26.00 14.17 -13.49
N LYS C 106 25.12 14.46 -14.45
CA LYS C 106 25.55 14.75 -15.80
C LYS C 106 26.02 16.18 -16.00
N ASP C 107 25.94 17.02 -14.97
CA ASP C 107 26.43 18.39 -15.06
C ASP C 107 27.90 18.41 -14.68
N ASN C 108 28.77 18.63 -15.67
CA ASN C 108 30.21 18.64 -15.43
C ASN C 108 30.70 19.91 -14.76
N SER C 109 29.86 20.96 -14.71
CA SER C 109 30.28 22.20 -14.06
C SER C 109 30.36 22.03 -12.55
N LEU C 110 29.41 21.32 -11.95
CA LEU C 110 29.33 21.20 -10.51
C LEU C 110 30.16 20.03 -10.01
N VAL C 111 30.81 20.22 -8.86
CA VAL C 111 31.68 19.22 -8.25
C VAL C 111 30.93 18.57 -7.09
N LEU C 112 30.87 17.24 -7.11
CA LEU C 112 30.17 16.48 -6.07
C LEU C 112 31.17 16.21 -4.95
N THR C 113 31.21 17.12 -3.97
CA THR C 113 32.04 16.92 -2.80
C THR C 113 31.49 15.75 -1.98
N PRO C 114 32.34 15.09 -1.17
CA PRO C 114 31.84 13.95 -0.38
C PRO C 114 30.66 14.32 0.51
N SER C 115 30.62 15.56 0.99
CA SER C 115 29.47 16.01 1.78
C SER C 115 28.19 15.99 0.95
N HIS C 116 28.26 16.41 -0.33
CA HIS C 116 27.08 16.39 -1.18
C HIS C 116 26.58 14.98 -1.41
N ILE C 117 27.50 14.05 -1.69
CA ILE C 117 27.10 12.64 -1.86
C ILE C 117 26.47 12.13 -0.58
N LYS C 118 27.05 12.47 0.57
CA LYS C 118 26.48 12.03 1.84
C LYS C 118 25.07 12.57 2.02
N ALA C 119 24.84 13.84 1.68
CA ALA C 119 23.51 14.44 1.85
C ALA C 119 22.49 13.78 0.94
N TYR C 120 22.84 13.58 -0.34
CA TYR C 120 21.92 12.91 -1.26
C TYR C 120 21.62 11.50 -0.78
N MET C 121 22.65 10.77 -0.38
CA MET C 121 22.47 9.40 0.10
C MET C 121 21.59 9.37 1.34
N LEU C 122 21.78 10.33 2.24
CA LEU C 122 21.01 10.37 3.48
C LEU C 122 19.55 10.62 3.21
N MET C 123 19.24 11.61 2.37
CA MET C 123 17.83 11.90 2.07
C MET C 123 17.18 10.71 1.36
N THR C 124 17.89 10.12 0.39
CA THR C 124 17.36 8.96 -0.31
C THR C 124 17.07 7.83 0.66
N LEU C 125 18.00 7.57 1.58
CA LEU C 125 17.84 6.44 2.49
C LEU C 125 16.78 6.72 3.55
N GLN C 126 16.60 7.97 3.96
CA GLN C 126 15.53 8.27 4.91
C GLN C 126 14.16 8.11 4.26
N GLY C 127 14.00 8.63 3.05
CA GLY C 127 12.77 8.38 2.32
C GLY C 127 12.52 6.90 2.11
N LEU C 128 13.57 6.16 1.78
CA LEU C 128 13.43 4.72 1.60
C LEU C 128 13.11 4.01 2.90
N GLU C 129 13.68 4.48 4.01
CA GLU C 129 13.39 3.88 5.31
C GLU C 129 11.91 4.05 5.65
N TYR C 130 11.39 5.27 5.47
CA TYR C 130 9.96 5.50 5.69
C TYR C 130 9.12 4.62 4.77
N LEU C 131 9.47 4.56 3.48
CA LEU C 131 8.69 3.79 2.52
C LEU C 131 8.70 2.31 2.88
N HIS C 132 9.87 1.77 3.23
CA HIS C 132 9.98 0.36 3.57
C HIS C 132 9.27 0.04 4.88
N GLN C 133 9.22 1.00 5.81
CA GLN C 133 8.47 0.79 7.04
C GLN C 133 7.00 0.54 6.74
N HIS C 134 6.44 1.24 5.75
CA HIS C 134 5.07 1.06 5.33
C HIS C 134 4.94 -0.01 4.24
N TRP C 135 5.92 -0.90 4.14
CA TRP C 135 5.83 -2.11 3.33
C TRP C 135 5.57 -1.81 1.86
N ILE C 136 6.26 -0.81 1.32
CA ILE C 136 6.17 -0.44 -0.09
C ILE C 136 7.57 -0.42 -0.68
N LEU C 137 7.73 -1.03 -1.85
CA LEU C 137 8.96 -0.99 -2.62
C LEU C 137 8.80 0.02 -3.76
N HIS C 138 9.81 0.89 -3.93
CA HIS C 138 9.75 1.86 -5.03
C HIS C 138 9.84 1.17 -6.39
N ARG C 139 10.84 0.30 -6.55
CA ARG C 139 11.06 -0.50 -7.75
C ARG C 139 11.40 0.30 -9.00
N ASP C 140 11.64 1.61 -8.86
CA ASP C 140 12.04 2.40 -10.02
C ASP C 140 13.09 3.44 -9.63
N LEU C 141 13.97 3.09 -8.69
CA LEU C 141 14.97 4.04 -8.23
C LEU C 141 16.04 4.26 -9.30
N LYS C 142 16.31 5.53 -9.57
CA LYS C 142 17.33 5.95 -10.53
C LYS C 142 17.49 7.47 -10.39
N PRO C 143 18.62 8.02 -10.85
CA PRO C 143 18.91 9.43 -10.52
C PRO C 143 17.82 10.41 -10.96
N ASN C 144 17.17 10.19 -12.10
CA ASN C 144 16.14 11.14 -12.52
C ASN C 144 14.80 10.91 -11.82
N ASN C 145 14.65 9.82 -11.07
CA ASN C 145 13.50 9.62 -10.21
C ASN C 145 13.72 10.13 -8.80
N LEU C 146 14.85 10.77 -8.53
CA LEU C 146 15.14 11.39 -7.25
C LEU C 146 15.18 12.89 -7.47
N LEU C 147 14.07 13.56 -7.19
CA LEU C 147 13.91 14.96 -7.54
C LEU C 147 14.38 15.85 -6.40
N LEU C 148 14.81 17.06 -6.75
CA LEU C 148 15.28 18.04 -5.79
C LEU C 148 14.51 19.34 -5.98
N ASP C 149 14.11 19.96 -4.86
CA ASP C 149 13.42 21.24 -4.92
C ASP C 149 14.41 22.38 -4.72
N GLU C 150 13.89 23.61 -4.67
CA GLU C 150 14.73 24.78 -4.47
C GLU C 150 15.37 24.81 -3.09
N ASN C 151 14.83 24.06 -2.13
CA ASN C 151 15.37 23.99 -0.79
C ASN C 151 16.36 22.85 -0.60
N GLY C 152 16.66 22.10 -1.65
CA GLY C 152 17.60 21.01 -1.55
C GLY C 152 17.05 19.76 -0.88
N VAL C 153 15.73 19.60 -0.84
CA VAL C 153 15.12 18.40 -0.26
C VAL C 153 14.96 17.39 -1.38
N LEU C 154 15.52 16.20 -1.19
CA LEU C 154 15.41 15.13 -2.17
C LEU C 154 14.16 14.32 -1.87
N LYS C 155 13.36 14.09 -2.91
CA LYS C 155 12.13 13.32 -2.78
C LYS C 155 12.10 12.22 -3.81
N LEU C 156 11.69 11.04 -3.37
CA LEU C 156 11.46 9.92 -4.29
C LEU C 156 10.18 10.17 -5.07
N ALA C 157 10.26 10.07 -6.39
CA ALA C 157 9.13 10.35 -7.26
C ALA C 157 8.91 9.16 -8.18
N ASP C 158 7.89 9.27 -9.03
CA ASP C 158 7.54 8.26 -10.03
C ASP C 158 7.25 6.92 -9.36
N PHE C 159 6.14 6.89 -8.64
CA PHE C 159 5.66 5.69 -7.98
C PHE C 159 4.82 4.81 -8.89
N GLY C 160 5.00 4.92 -10.20
CA GLY C 160 4.20 4.15 -11.13
C GLY C 160 4.45 2.66 -11.08
N LEU C 161 5.63 2.24 -10.62
CA LEU C 161 5.93 0.82 -10.46
C LEU C 161 5.96 0.39 -9.00
N ALA C 162 5.74 1.31 -8.06
CA ALA C 162 5.83 0.99 -6.65
C ALA C 162 4.74 0.02 -6.23
N LYS C 163 5.09 -0.90 -5.33
CA LYS C 163 4.18 -1.97 -4.95
C LYS C 163 4.41 -2.33 -3.49
N SER C 164 3.33 -2.74 -2.82
CA SER C 164 3.44 -3.20 -1.45
C SER C 164 4.09 -4.58 -1.41
N PHE C 165 4.97 -4.78 -0.42
CA PHE C 165 5.67 -6.05 -0.26
C PHE C 165 5.45 -6.58 1.15
N GLY C 166 5.95 -7.78 1.39
CA GLY C 166 5.75 -8.46 2.66
C GLY C 166 4.55 -9.38 2.70
N SER C 167 3.88 -9.58 1.57
CA SER C 167 2.75 -10.50 1.50
C SER C 167 3.14 -11.76 0.74
N PRO C 168 2.93 -12.94 1.31
CA PRO C 168 3.30 -14.18 0.61
C PRO C 168 2.41 -14.51 -0.57
N ASN C 169 1.26 -13.85 -0.73
CA ASN C 169 0.32 -14.16 -1.81
C ASN C 169 0.51 -13.30 -3.04
N ARG C 170 1.35 -12.27 -2.97
CA ARG C 170 1.56 -11.38 -4.11
C ARG C 170 2.78 -11.85 -4.89
N ALA C 171 2.58 -12.14 -6.18
CA ALA C 171 3.65 -12.54 -7.07
C ALA C 171 4.00 -11.37 -7.99
N TYR C 172 5.25 -10.95 -7.96
CA TYR C 172 5.69 -9.77 -8.70
C TYR C 172 6.48 -10.18 -9.94
N THR C 173 6.73 -9.20 -10.81
CA THR C 173 7.53 -9.41 -12.00
C THR C 173 8.97 -8.98 -11.74
N HIS C 174 9.88 -9.56 -12.53
CA HIS C 174 11.31 -9.32 -12.37
C HIS C 174 11.85 -8.25 -13.32
N GLN C 175 10.98 -7.59 -14.10
CA GLN C 175 11.41 -6.59 -15.07
C GLN C 175 11.27 -5.17 -14.54
N VAL C 176 11.10 -5.01 -13.23
CA VAL C 176 11.08 -3.68 -12.64
C VAL C 176 12.51 -3.16 -12.51
N VAL C 177 12.62 -1.85 -12.27
CA VAL C 177 13.88 -1.11 -12.23
C VAL C 177 14.51 -1.09 -13.60
N THR C 178 14.95 0.09 -14.04
CA THR C 178 15.69 0.17 -15.29
C THR C 178 16.97 -0.66 -15.21
N ARG C 179 17.48 -1.05 -16.38
CA ARG C 179 18.45 -2.14 -16.45
C ARG C 179 19.75 -1.80 -15.70
N TRP C 180 20.24 -0.57 -15.85
CA TRP C 180 21.52 -0.22 -15.24
C TRP C 180 21.49 -0.24 -13.72
N TYR C 181 20.29 -0.21 -13.13
CA TYR C 181 20.13 -0.17 -11.68
C TYR C 181 19.42 -1.42 -11.16
N ARG C 182 19.23 -2.42 -12.00
CA ARG C 182 18.51 -3.62 -11.63
C ARG C 182 19.41 -4.56 -10.84
N ALA C 183 18.87 -5.13 -9.78
CA ALA C 183 19.62 -6.04 -8.92
C ALA C 183 19.84 -7.38 -9.62
N PRO C 184 20.92 -8.09 -9.29
CA PRO C 184 21.17 -9.38 -9.93
C PRO C 184 20.08 -10.40 -9.68
N GLU C 185 19.43 -10.38 -8.51
CA GLU C 185 18.31 -11.30 -8.31
C GLU C 185 17.14 -10.95 -9.22
N LEU C 186 16.94 -9.66 -9.50
CA LEU C 186 15.95 -9.28 -10.50
C LEU C 186 16.37 -9.74 -11.89
N LEU C 187 17.64 -9.55 -12.23
CA LEU C 187 18.14 -10.00 -13.52
C LEU C 187 18.12 -11.51 -13.64
N PHE C 188 18.17 -12.21 -12.51
CA PHE C 188 18.06 -13.66 -12.50
C PHE C 188 16.62 -14.14 -12.36
N GLY C 189 15.65 -13.22 -12.36
CA GLY C 189 14.25 -13.59 -12.43
C GLY C 189 13.55 -13.80 -11.10
N ALA C 190 13.93 -13.08 -10.05
CA ALA C 190 13.25 -13.20 -8.77
C ALA C 190 11.83 -12.65 -8.88
N ARG C 191 10.85 -13.50 -8.58
CA ARG C 191 9.47 -13.03 -8.45
C ARG C 191 9.11 -12.58 -7.04
N MET C 192 9.81 -13.08 -6.03
CA MET C 192 9.65 -12.57 -4.67
C MET C 192 10.95 -11.90 -4.24
N TYR C 193 10.84 -10.67 -3.74
CA TYR C 193 12.00 -9.92 -3.30
C TYR C 193 11.57 -8.92 -2.24
N GLY C 194 12.55 -8.31 -1.62
CA GLY C 194 12.29 -7.32 -0.59
C GLY C 194 12.93 -5.98 -0.87
N VAL C 195 13.45 -5.33 0.17
CA VAL C 195 14.03 -4.01 0.02
C VAL C 195 15.31 -4.04 -0.80
N GLY C 196 15.89 -5.22 -1.00
CA GLY C 196 17.16 -5.31 -1.71
C GLY C 196 17.10 -4.71 -3.09
N VAL C 197 16.00 -4.91 -3.80
CA VAL C 197 15.87 -4.36 -5.15
C VAL C 197 15.96 -2.84 -5.12
N ASP C 198 15.46 -2.20 -4.07
CA ASP C 198 15.71 -0.77 -3.93
C ASP C 198 17.16 -0.53 -3.54
N MET C 199 17.65 -1.30 -2.57
CA MET C 199 18.97 -1.05 -2.00
C MET C 199 20.05 -1.16 -3.07
N TRP C 200 20.00 -2.21 -3.88
CA TRP C 200 20.94 -2.35 -4.99
C TRP C 200 20.91 -1.12 -5.88
N ALA C 201 19.71 -0.67 -6.25
CA ALA C 201 19.61 0.52 -7.08
C ALA C 201 20.26 1.69 -6.38
N VAL C 202 20.02 1.81 -5.06
CA VAL C 202 20.67 2.85 -4.28
C VAL C 202 22.18 2.74 -4.42
N GLY C 203 22.71 1.53 -4.26
CA GLY C 203 24.14 1.34 -4.48
C GLY C 203 24.56 1.85 -5.85
N CYS C 204 23.83 1.45 -6.88
CA CYS C 204 24.15 1.91 -8.22
C CYS C 204 24.15 3.44 -8.28
N ILE C 205 23.11 4.05 -7.70
CA ILE C 205 23.06 5.52 -7.67
C ILE C 205 24.30 6.06 -6.99
N LEU C 206 24.65 5.47 -5.84
CA LEU C 206 25.86 5.90 -5.13
C LEU C 206 27.07 5.83 -6.05
N ALA C 207 27.22 4.70 -6.76
CA ALA C 207 28.35 4.57 -7.68
C ALA C 207 28.28 5.62 -8.76
N GLU C 208 27.07 5.88 -9.29
CA GLU C 208 26.92 6.91 -10.30
C GLU C 208 27.24 8.28 -9.73
N LEU C 209 27.03 8.48 -8.44
CA LEU C 209 27.42 9.75 -7.81
C LEU C 209 28.94 9.85 -7.71
N LEU C 210 29.63 8.72 -7.53
CA LEU C 210 31.06 8.76 -7.31
C LEU C 210 31.84 8.81 -8.61
N LEU C 211 31.32 8.20 -9.67
CA LEU C 211 32.02 8.13 -10.95
C LEU C 211 31.51 9.14 -11.97
N ARG C 212 30.37 9.79 -11.71
CA ARG C 212 29.73 10.74 -12.62
C ARG C 212 29.26 10.09 -13.92
N VAL C 213 29.39 8.78 -14.03
CA VAL C 213 28.91 8.02 -15.18
C VAL C 213 28.18 6.79 -14.65
N PRO C 214 27.29 6.20 -15.46
CA PRO C 214 26.60 4.98 -15.01
C PRO C 214 27.60 3.90 -14.65
N PHE C 215 27.31 3.20 -13.54
CA PHE C 215 28.26 2.23 -13.00
C PHE C 215 28.31 0.98 -13.87
N LEU C 216 27.15 0.45 -14.24
CA LEU C 216 27.04 -0.84 -14.93
C LEU C 216 26.13 -0.69 -16.15
N PRO C 217 26.62 -0.03 -17.21
CA PRO C 217 25.76 0.31 -18.36
C PRO C 217 25.61 -0.84 -19.34
N GLY C 218 24.81 -1.83 -18.95
CA GLY C 218 24.56 -2.96 -19.83
C GLY C 218 23.62 -2.62 -20.97
N ASP C 219 23.80 -3.31 -22.09
CA ASP C 219 22.91 -3.19 -23.24
C ASP C 219 21.83 -4.26 -23.29
N SER C 220 21.91 -5.26 -22.42
CA SER C 220 20.91 -6.31 -22.35
C SER C 220 20.98 -6.92 -20.95
N ASP C 221 20.05 -7.83 -20.66
CA ASP C 221 20.04 -8.47 -19.35
C ASP C 221 21.31 -9.28 -19.13
N LEU C 222 21.70 -10.07 -20.13
CA LEU C 222 22.92 -10.85 -20.02
C LEU C 222 24.15 -9.96 -19.93
N ASP C 223 24.17 -8.86 -20.68
CA ASP C 223 25.29 -7.92 -20.60
C ASP C 223 25.31 -7.22 -19.24
N GLN C 224 24.14 -6.93 -18.68
CA GLN C 224 24.08 -6.33 -17.35
C GLN C 224 24.67 -7.28 -16.31
N LEU C 225 24.26 -8.55 -16.35
CA LEU C 225 24.85 -9.55 -15.45
C LEU C 225 26.34 -9.68 -15.67
N THR C 226 26.79 -9.65 -16.92
CA THR C 226 28.20 -9.76 -17.22
C THR C 226 28.99 -8.60 -16.62
N ARG C 227 28.49 -7.38 -16.77
CA ARG C 227 29.18 -6.23 -16.20
C ARG C 227 29.20 -6.31 -14.69
N ILE C 228 28.08 -6.72 -14.07
CA ILE C 228 28.04 -6.86 -12.62
C ILE C 228 29.11 -7.84 -12.15
N PHE C 229 29.17 -9.02 -12.79
CA PHE C 229 30.08 -10.04 -12.33
C PHE C 229 31.53 -9.74 -12.70
N GLU C 230 31.75 -8.96 -13.75
CA GLU C 230 33.11 -8.56 -14.09
C GLU C 230 33.62 -7.45 -13.18
N THR C 231 32.74 -6.61 -12.65
CA THR C 231 33.16 -5.53 -11.77
C THR C 231 33.26 -5.97 -10.32
N LEU C 232 32.22 -6.61 -9.79
CA LEU C 232 32.18 -7.01 -8.39
C LEU C 232 32.58 -8.46 -8.17
N GLY C 233 32.93 -9.18 -9.21
CA GLY C 233 33.21 -10.59 -9.06
C GLY C 233 31.96 -11.44 -9.22
N THR C 234 32.16 -12.66 -9.70
CA THR C 234 31.05 -13.58 -9.84
C THR C 234 30.70 -14.16 -8.47
N PRO C 235 29.51 -13.88 -7.94
CA PRO C 235 29.15 -14.44 -6.64
C PRO C 235 29.11 -15.96 -6.70
N THR C 236 29.57 -16.59 -5.63
CA THR C 236 29.54 -18.03 -5.51
C THR C 236 28.46 -18.43 -4.51
N GLU C 237 28.36 -19.74 -4.26
CA GLU C 237 27.37 -20.25 -3.32
C GLU C 237 27.64 -19.79 -1.90
N GLU C 238 28.85 -19.31 -1.60
CA GLU C 238 29.15 -18.81 -0.27
C GLU C 238 28.57 -17.42 -0.05
N GLN C 239 28.56 -16.56 -1.08
CA GLN C 239 28.02 -15.22 -0.96
C GLN C 239 26.55 -15.12 -1.32
N TRP C 240 25.96 -16.20 -1.86
CA TRP C 240 24.57 -16.19 -2.30
C TRP C 240 24.06 -17.61 -2.20
N PRO C 241 23.57 -18.01 -1.02
CA PRO C 241 23.34 -19.44 -0.76
C PRO C 241 22.43 -20.14 -1.75
N ASP C 242 21.39 -19.46 -2.25
CA ASP C 242 20.40 -20.10 -3.12
C ASP C 242 20.36 -19.44 -4.51
N MET C 243 21.49 -18.89 -4.96
CA MET C 243 21.50 -18.19 -6.24
C MET C 243 21.10 -19.10 -7.39
N CYS C 244 21.37 -20.40 -7.27
CA CYS C 244 21.06 -21.34 -8.34
C CYS C 244 19.59 -21.68 -8.44
N SER C 245 18.78 -21.31 -7.45
CA SER C 245 17.35 -21.63 -7.46
C SER C 245 16.50 -20.59 -8.19
N LEU C 246 17.08 -19.45 -8.58
CA LEU C 246 16.31 -18.46 -9.32
C LEU C 246 16.00 -18.97 -10.72
N PRO C 247 14.81 -18.69 -11.25
CA PRO C 247 14.37 -19.34 -12.49
C PRO C 247 15.22 -18.99 -13.71
N ASP C 248 15.80 -17.78 -13.76
CA ASP C 248 16.62 -17.36 -14.88
C ASP C 248 18.11 -17.32 -14.51
N TYR C 249 18.53 -18.18 -13.59
CA TYR C 249 19.94 -18.21 -13.23
C TYR C 249 20.76 -18.86 -14.34
N VAL C 250 21.80 -18.17 -14.78
CA VAL C 250 22.69 -18.65 -15.82
C VAL C 250 24.09 -18.78 -15.22
N THR C 251 24.67 -19.98 -15.34
CA THR C 251 26.04 -20.19 -14.89
C THR C 251 26.97 -19.30 -15.70
N PHE C 252 27.89 -18.63 -15.00
CA PHE C 252 28.67 -17.57 -15.61
C PHE C 252 30.15 -17.94 -15.59
N LYS C 253 30.97 -16.99 -16.05
CA LYS C 253 32.42 -17.11 -15.99
C LYS C 253 32.89 -16.52 -14.66
N SER C 254 33.87 -17.19 -14.05
CA SER C 254 34.32 -16.82 -12.70
C SER C 254 35.22 -15.59 -12.80
N PHE C 255 34.60 -14.42 -12.75
CA PHE C 255 35.55 -13.31 -12.66
C PHE C 255 35.85 -13.00 -11.21
N PRO C 256 37.11 -12.72 -10.87
CA PRO C 256 37.44 -12.29 -9.51
C PRO C 256 36.97 -10.87 -9.21
N GLY C 257 36.52 -10.14 -10.22
CA GLY C 257 36.07 -8.78 -10.01
C GLY C 257 37.23 -7.82 -9.82
N ILE C 258 36.87 -6.60 -9.44
CA ILE C 258 37.82 -5.53 -9.20
C ILE C 258 37.60 -5.05 -7.76
N PRO C 259 38.65 -4.94 -6.95
CA PRO C 259 38.46 -4.46 -5.58
C PRO C 259 37.85 -3.06 -5.56
N LEU C 260 36.98 -2.83 -4.58
CA LEU C 260 36.21 -1.59 -4.56
C LEU C 260 37.09 -0.35 -4.42
N HIS C 261 38.19 -0.46 -3.66
CA HIS C 261 39.09 0.69 -3.55
C HIS C 261 39.77 1.03 -4.88
N HIS C 262 39.87 0.06 -5.79
CA HIS C 262 40.39 0.37 -7.11
C HIS C 262 39.37 1.12 -7.96
N ILE C 263 38.10 0.70 -7.92
CA ILE C 263 37.06 1.41 -8.66
C ILE C 263 36.85 2.81 -8.09
N PHE C 264 36.64 2.90 -6.78
CA PHE C 264 36.39 4.18 -6.11
C PHE C 264 37.67 4.59 -5.41
N SER C 265 38.61 5.12 -6.20
CA SER C 265 39.93 5.46 -5.68
C SER C 265 39.87 6.57 -4.63
N ALA C 266 38.86 7.42 -4.69
CA ALA C 266 38.73 8.53 -3.76
C ALA C 266 37.83 8.22 -2.57
N ALA C 267 37.35 6.98 -2.44
CA ALA C 267 36.43 6.62 -1.37
C ALA C 267 37.19 6.18 -0.13
N GLY C 268 36.68 6.59 1.04
CA GLY C 268 37.24 6.16 2.30
C GLY C 268 36.72 4.82 2.76
N ASP C 269 37.28 4.33 3.86
CA ASP C 269 36.95 3.00 4.36
C ASP C 269 35.48 2.89 4.74
N ASP C 270 34.93 3.93 5.39
CA ASP C 270 33.52 3.91 5.74
C ASP C 270 32.63 3.89 4.50
N LEU C 271 32.98 4.71 3.50
CA LEU C 271 32.22 4.70 2.25
C LEU C 271 32.36 3.37 1.54
N LEU C 272 33.54 2.76 1.58
CA LEU C 272 33.71 1.45 0.97
C LEU C 272 32.87 0.39 1.69
N ASP C 273 32.77 0.50 3.03
CA ASP C 273 31.90 -0.41 3.76
C ASP C 273 30.44 -0.24 3.34
N LEU C 274 30.00 1.01 3.21
CA LEU C 274 28.62 1.25 2.76
C LEU C 274 28.39 0.69 1.35
N ILE C 275 29.35 0.91 0.45
CA ILE C 275 29.21 0.41 -0.92
C ILE C 275 29.17 -1.10 -0.93
N GLN C 276 30.04 -1.75 -0.15
CA GLN C 276 30.03 -3.21 -0.09
C GLN C 276 28.70 -3.72 0.46
N GLY C 277 28.17 -3.05 1.48
CA GLY C 277 26.87 -3.46 2.01
C GLY C 277 25.76 -3.31 0.99
N LEU C 278 25.77 -2.21 0.25
CA LEU C 278 24.73 -1.98 -0.75
C LEU C 278 24.86 -2.92 -1.94
N PHE C 279 26.07 -3.38 -2.23
CA PHE C 279 26.32 -4.21 -3.39
C PHE C 279 26.55 -5.67 -3.06
N LEU C 280 26.21 -6.09 -1.84
CA LEU C 280 26.27 -7.50 -1.50
C LEU C 280 25.31 -8.29 -2.39
N PHE C 281 25.79 -9.40 -2.93
CA PHE C 281 24.99 -10.17 -3.87
C PHE C 281 23.81 -10.84 -3.18
N ASN C 282 23.97 -11.29 -1.95
CA ASN C 282 22.86 -11.88 -1.21
C ASN C 282 21.88 -10.78 -0.83
N PRO C 283 20.64 -10.80 -1.33
CA PRO C 283 19.70 -9.73 -0.99
C PRO C 283 19.38 -9.66 0.50
N CYS C 284 19.29 -10.81 1.17
CA CYS C 284 19.04 -10.80 2.61
C CYS C 284 20.20 -10.17 3.36
N ALA C 285 21.44 -10.51 3.00
CA ALA C 285 22.60 -9.91 3.63
C ALA C 285 22.78 -8.45 3.24
N ARG C 286 22.25 -8.04 2.08
CA ARG C 286 22.34 -6.66 1.66
C ARG C 286 21.71 -5.75 2.71
N ILE C 287 22.39 -4.64 3.00
CA ILE C 287 21.98 -3.78 4.10
C ILE C 287 20.63 -3.14 3.79
N THR C 288 19.77 -3.07 4.80
CA THR C 288 18.51 -2.37 4.65
C THR C 288 18.74 -0.87 4.78
N ALA C 289 17.66 -0.11 4.57
CA ALA C 289 17.77 1.34 4.63
C ALA C 289 18.16 1.81 6.03
N THR C 290 17.53 1.25 7.07
CA THR C 290 17.87 1.64 8.43
C THR C 290 19.28 1.22 8.80
N GLN C 291 19.69 0.01 8.40
CA GLN C 291 21.06 -0.44 8.66
C GLN C 291 22.07 0.45 7.95
N ALA C 292 21.78 0.83 6.71
CA ALA C 292 22.66 1.75 6.00
C ALA C 292 22.73 3.09 6.72
N LEU C 293 21.60 3.56 7.24
CA LEU C 293 21.59 4.83 7.96
C LEU C 293 22.39 4.75 9.26
N LYS C 294 22.40 3.59 9.91
CA LYS C 294 23.15 3.42 11.15
C LYS C 294 24.65 3.29 10.92
N MET C 295 25.09 3.11 9.68
CA MET C 295 26.50 2.87 9.40
C MET C 295 27.35 4.09 9.75
N LYS C 296 28.62 3.82 10.03
CA LYS C 296 29.53 4.87 10.47
C LYS C 296 29.77 5.92 9.39
N TYR C 297 29.56 5.58 8.13
CA TYR C 297 29.78 6.54 7.05
C TYR C 297 28.95 7.80 7.26
N PHE C 298 27.68 7.64 7.64
CA PHE C 298 26.81 8.80 7.83
C PHE C 298 27.12 9.52 9.14
N SER C 299 27.56 8.79 10.17
CA SER C 299 27.93 9.44 11.42
C SER C 299 29.25 10.18 11.32
N ASN C 300 30.14 9.76 10.42
CA ASN C 300 31.51 10.23 10.40
C ASN C 300 31.60 11.66 9.85
N ARG C 301 32.78 12.25 10.02
CA ARG C 301 33.10 13.51 9.39
C ARG C 301 33.38 13.29 7.90
N PRO C 302 33.02 14.26 7.06
CA PRO C 302 32.28 15.49 7.36
C PRO C 302 30.77 15.22 7.36
N GLY C 303 29.98 16.08 7.98
CA GLY C 303 28.55 15.92 7.97
C GLY C 303 27.95 16.20 6.62
N PRO C 304 26.74 15.70 6.37
CA PRO C 304 26.08 15.95 5.09
C PRO C 304 25.83 17.43 4.86
N THR C 305 25.90 17.83 3.60
CA THR C 305 25.64 19.22 3.25
C THR C 305 24.19 19.56 3.57
N PRO C 306 23.93 20.75 4.12
CA PRO C 306 22.54 21.21 4.24
C PRO C 306 21.90 21.37 2.88
N GLY C 307 20.58 21.21 2.84
CA GLY C 307 19.87 21.26 1.57
C GLY C 307 20.06 22.57 0.82
N CYS C 308 20.13 23.68 1.57
CA CYS C 308 20.28 24.98 0.93
C CYS C 308 21.64 25.18 0.29
N GLN C 309 22.62 24.34 0.62
CA GLN C 309 23.98 24.49 0.09
C GLN C 309 24.33 23.42 -0.95
N LEU C 310 23.41 22.52 -1.26
CA LEU C 310 23.65 21.53 -2.30
C LEU C 310 23.78 22.24 -3.66
N PRO C 311 24.54 21.67 -4.60
CA PRO C 311 24.73 22.33 -5.88
C PRO C 311 23.43 22.46 -6.66
N ARG C 312 23.30 23.60 -7.36
CA ARG C 312 22.10 23.91 -8.14
C ARG C 312 22.44 23.85 -9.62
N PRO C 313 21.81 22.97 -10.41
CA PRO C 313 22.05 22.90 -11.85
C PRO C 313 21.62 24.19 -12.56
O1 I74 D . 8.47 12.84 -12.38
C42 I74 D . 9.64 12.91 -13.20
C43 I74 D . 10.64 11.86 -12.77
N44 I74 D . 11.81 11.85 -13.65
C45 I74 D . 11.43 11.74 -15.09
C46 I74 D . 10.41 12.77 -15.51
C41 I74 D . 9.24 12.72 -14.65
C40 I74 D . 8.22 13.87 -15.06
N18 I74 D . 8.86 15.21 -15.07
C5 I74 D . 8.74 16.07 -13.90
C4 I74 D . 9.44 17.27 -13.85
C3 I74 D . 9.32 18.07 -12.74
N2 I74 D . 8.51 17.69 -11.71
N1 I74 D . 8.24 18.33 -10.49
C9 I74 D . 7.36 17.54 -9.79
C8 I74 D . 7.10 16.40 -10.56
C26 I74 D . 6.12 15.20 -10.16
C28 I74 D . 5.17 14.82 -11.31
C27 I74 D . 6.90 13.98 -9.65
C7 I74 D . 7.84 16.53 -11.77
N6 I74 D . 7.96 15.71 -12.90
N10 I74 D . 10.07 19.36 -12.64
C11 I74 D . 11.01 19.78 -13.73
C12 I74 D . 12.35 18.98 -13.73
C17 I74 D . 12.52 17.84 -12.95
C16 I74 D . 13.73 17.14 -12.96
C15 I74 D . 14.77 17.59 -13.76
C14 I74 D . 14.60 18.73 -14.54
C13 I74 D . 13.39 19.42 -14.52
#